data_1NXU
#
_entry.id   1NXU
#
_cell.length_a   58.012
_cell.length_b   51.229
_cell.length_c   108.930
_cell.angle_alpha   90.00
_cell.angle_beta   103.78
_cell.angle_gamma   90.00
#
_symmetry.space_group_name_H-M   'P 1 21 1'
#
loop_
_entity.id
_entity.type
_entity.pdbx_description
1 polymer 'Hypothetical oxidoreductase yiaK'
2 non-polymer 'SULFATE ION'
3 water water
#
_entity_poly.entity_id   1
_entity_poly.type   'polypeptide(L)'
_entity_poly.pdbx_seq_one_letter_code
;(MSE)KVTFEQLKAAFNRVLISRGVDSETADACAE(MSE)FARTTESGVYSHGVNRFPRFIQQLENGDIIPDAQPKRITS
LGAIEQWDAQRSIGNLTAKK(MSE)(MSE)DRAIELAADHGIGLVALRNANHW(MSE)RGGSYGWQAAEKGYIGICWTNS
IAV(MSE)PPWGAKECRIGTNPLIVAIPSTPIT(MSE)VD(MSE)S(MSE)S(MSE)FSYG(MSE)LEVNRLAGRQLPVD
GGFDDEGNLTKEPGVIEKNRRILP(MSE)GYWKGSG(MSE)SIVLD(MSE)IATLLSDGASVAEVTQDNSDEYGISQIFI
AIEVDKLIDGPTRDAKLQRI(MSE)DYVTSAERADENQAIRLPGHEFTTLLAENRRNGITVDDSVWAKIQALA
;
_entity_poly.pdbx_strand_id   A,B
#
loop_
_chem_comp.id
_chem_comp.type
_chem_comp.name
_chem_comp.formula
SO4 non-polymer 'SULFATE ION' 'O4 S -2'
#
# COMPACT_ATOMS: atom_id res chain seq x y z
N MSE A 1 7.10 -19.34 -29.03
CA MSE A 1 5.85 -19.81 -29.69
C MSE A 1 4.91 -18.62 -29.91
O MSE A 1 4.42 -18.02 -28.96
CB MSE A 1 5.15 -20.84 -28.79
CG MSE A 1 4.92 -22.19 -29.44
SE MSE A 1 3.72 -22.14 -30.97
CE MSE A 1 5.05 -21.97 -32.37
N LYS A 2 4.68 -18.29 -31.18
CA LYS A 2 3.79 -17.18 -31.51
C LYS A 2 2.38 -17.69 -31.71
N VAL A 3 1.43 -17.14 -30.97
CA VAL A 3 0.04 -17.54 -31.07
C VAL A 3 -0.88 -16.33 -31.11
N THR A 4 -2.04 -16.51 -31.71
CA THR A 4 -3.03 -15.44 -31.82
C THR A 4 -3.95 -15.50 -30.61
N PHE A 5 -4.65 -14.40 -30.36
CA PHE A 5 -5.59 -14.33 -29.25
C PHE A 5 -6.59 -15.49 -29.36
N GLU A 6 -7.09 -15.71 -30.57
CA GLU A 6 -8.05 -16.78 -30.85
C GLU A 6 -7.44 -18.14 -30.50
N GLN A 7 -6.20 -18.36 -30.91
CA GLN A 7 -5.51 -19.61 -30.65
C GLN A 7 -5.39 -19.91 -29.16
N LEU A 8 -4.95 -18.91 -28.40
CA LEU A 8 -4.78 -19.04 -26.96
C LEU A 8 -6.09 -19.36 -26.26
N LYS A 9 -7.12 -18.57 -26.55
CA LYS A 9 -8.42 -18.78 -25.94
C LYS A 9 -9.00 -20.15 -26.27
N ALA A 10 -8.75 -20.63 -27.49
CA ALA A 10 -9.22 -21.94 -27.92
C ALA A 10 -8.60 -23.01 -27.03
N ALA A 11 -7.28 -22.94 -26.86
CA ALA A 11 -6.57 -23.90 -26.04
C ALA A 11 -7.12 -23.90 -24.61
N PHE A 12 -7.36 -22.72 -24.05
CA PHE A 12 -7.89 -22.61 -22.68
C PHE A 12 -9.29 -23.24 -22.57
N ASN A 13 -10.14 -22.92 -23.53
CA ASN A 13 -11.51 -23.44 -23.54
C ASN A 13 -11.55 -24.96 -23.63
N ARG A 14 -10.76 -25.51 -24.54
CA ARG A 14 -10.71 -26.95 -24.73
C ARG A 14 -10.32 -27.69 -23.45
N VAL A 15 -9.27 -27.22 -22.80
CA VAL A 15 -8.82 -27.84 -21.57
C VAL A 15 -9.88 -27.73 -20.49
N LEU A 16 -10.52 -26.57 -20.40
CA LEU A 16 -11.56 -26.33 -19.40
C LEU A 16 -12.73 -27.28 -19.59
N ILE A 17 -13.22 -27.38 -20.83
CA ILE A 17 -14.33 -28.26 -21.14
C ILE A 17 -13.99 -29.73 -20.87
N SER A 18 -12.77 -30.14 -21.22
CA SER A 18 -12.37 -31.52 -21.00
C SER A 18 -12.37 -31.84 -19.51
N ARG A 19 -12.31 -30.79 -18.70
CA ARG A 19 -12.31 -30.97 -17.25
C ARG A 19 -13.70 -30.89 -16.64
N GLY A 20 -14.72 -30.83 -17.50
CA GLY A 20 -16.08 -30.78 -17.01
C GLY A 20 -16.59 -29.38 -16.72
N VAL A 21 -15.95 -28.38 -17.33
CA VAL A 21 -16.37 -27.00 -17.11
C VAL A 21 -17.52 -26.64 -18.04
N ASP A 22 -18.51 -25.95 -17.48
CA ASP A 22 -19.68 -25.49 -18.24
C ASP A 22 -19.24 -24.83 -19.54
N SER A 23 -20.16 -24.76 -20.50
CA SER A 23 -19.88 -24.15 -21.79
C SER A 23 -19.53 -22.67 -21.74
N GLU A 24 -20.51 -21.84 -21.39
CA GLU A 24 -20.30 -20.41 -21.31
C GLU A 24 -19.28 -20.06 -20.22
N THR A 25 -19.26 -20.86 -19.16
CA THR A 25 -18.33 -20.64 -18.07
C THR A 25 -16.89 -20.81 -18.55
N ALA A 26 -16.65 -21.88 -19.31
CA ALA A 26 -15.32 -22.16 -19.83
C ALA A 26 -14.88 -21.05 -20.77
N ASP A 27 -15.82 -20.56 -21.56
CA ASP A 27 -15.55 -19.50 -22.52
C ASP A 27 -15.28 -18.18 -21.81
N ALA A 28 -15.96 -17.95 -20.68
CA ALA A 28 -15.78 -16.70 -19.93
C ALA A 28 -14.39 -16.69 -19.30
N CYS A 29 -14.07 -17.79 -18.62
CA CYS A 29 -12.80 -17.98 -17.95
C CYS A 29 -11.64 -17.98 -18.94
N ALA A 30 -11.85 -18.63 -20.09
CA ALA A 30 -10.81 -18.68 -21.11
C ALA A 30 -10.53 -17.29 -21.65
N GLU A 31 -11.58 -16.48 -21.74
CA GLU A 31 -11.47 -15.10 -22.23
C GLU A 31 -10.54 -14.29 -21.35
N MSE A 32 -10.75 -14.37 -20.04
CA MSE A 32 -9.93 -13.62 -19.11
C MSE A 32 -8.46 -14.04 -19.17
O MSE A 32 -7.58 -13.20 -19.16
CB MSE A 32 -10.45 -13.77 -17.68
CG MSE A 32 -11.78 -13.05 -17.45
SE MSE A 32 -12.21 -12.96 -15.57
CE MSE A 32 -11.04 -11.52 -15.07
N PHE A 33 -8.20 -15.35 -19.25
CA PHE A 33 -6.85 -15.85 -19.34
C PHE A 33 -6.14 -15.32 -20.57
N ALA A 34 -6.84 -15.31 -21.71
CA ALA A 34 -6.25 -14.82 -22.94
C ALA A 34 -6.07 -13.30 -22.91
N ARG A 35 -7.04 -12.59 -22.34
CA ARG A 35 -6.98 -11.13 -22.23
C ARG A 35 -5.82 -10.71 -21.35
N THR A 36 -5.68 -11.36 -20.19
CA THR A 36 -4.59 -11.03 -19.28
C THR A 36 -3.27 -11.24 -19.99
N THR A 37 -3.16 -12.33 -20.73
CA THR A 37 -1.94 -12.66 -21.46
C THR A 37 -1.62 -11.64 -22.55
N GLU A 38 -2.63 -11.27 -23.33
CA GLU A 38 -2.45 -10.31 -24.41
C GLU A 38 -2.10 -8.92 -23.89
N SER A 39 -2.52 -8.63 -22.65
CA SER A 39 -2.23 -7.33 -22.02
C SER A 39 -0.80 -7.28 -21.51
N GLY A 40 -0.12 -8.41 -21.53
CA GLY A 40 1.26 -8.42 -21.07
C GLY A 40 1.48 -9.10 -19.73
N VAL A 41 0.45 -9.75 -19.21
CA VAL A 41 0.58 -10.44 -17.93
C VAL A 41 0.66 -11.95 -18.17
N TYR A 42 1.89 -12.44 -18.30
CA TYR A 42 2.16 -13.86 -18.53
C TYR A 42 2.18 -14.61 -17.20
N SER A 43 2.83 -14.03 -16.21
CA SER A 43 2.95 -14.62 -14.88
C SER A 43 1.63 -15.11 -14.31
N HIS A 44 0.62 -14.24 -14.27
CA HIS A 44 -0.69 -14.61 -13.75
C HIS A 44 -1.63 -14.82 -14.92
N GLY A 45 -1.05 -15.04 -16.11
CA GLY A 45 -1.84 -15.29 -17.30
C GLY A 45 -1.64 -16.71 -17.75
N VAL A 46 -1.17 -16.87 -18.99
CA VAL A 46 -0.93 -18.18 -19.59
C VAL A 46 -0.03 -19.10 -18.77
N ASN A 47 0.97 -18.52 -18.12
CA ASN A 47 1.89 -19.32 -17.31
C ASN A 47 1.23 -19.94 -16.09
N ARG A 48 0.14 -19.33 -15.64
CA ARG A 48 -0.56 -19.85 -14.46
C ARG A 48 -1.70 -20.82 -14.78
N PHE A 49 -2.09 -20.92 -16.05
CA PHE A 49 -3.18 -21.80 -16.47
C PHE A 49 -3.01 -23.26 -16.02
N PRO A 50 -1.84 -23.87 -16.26
CA PRO A 50 -1.64 -25.27 -15.84
C PRO A 50 -1.96 -25.48 -14.36
N ARG A 51 -1.36 -24.66 -13.51
CA ARG A 51 -1.60 -24.74 -12.07
C ARG A 51 -3.08 -24.55 -11.75
N PHE A 52 -3.74 -23.71 -12.54
CA PHE A 52 -5.16 -23.44 -12.35
C PHE A 52 -5.98 -24.71 -12.61
N ILE A 53 -5.71 -25.36 -13.74
CA ILE A 53 -6.42 -26.59 -14.08
C ILE A 53 -6.19 -27.65 -13.02
N GLN A 54 -4.97 -27.70 -12.49
CA GLN A 54 -4.63 -28.67 -11.47
C GLN A 54 -5.55 -28.51 -10.27
N GLN A 55 -5.58 -27.31 -9.71
CA GLN A 55 -6.43 -27.03 -8.57
C GLN A 55 -7.90 -27.25 -8.86
N LEU A 56 -8.27 -27.07 -10.12
CA LEU A 56 -9.65 -27.30 -10.52
C LEU A 56 -9.91 -28.80 -10.51
N GLU A 57 -8.97 -29.58 -11.06
CA GLU A 57 -9.10 -31.03 -11.09
C GLU A 57 -9.06 -31.61 -9.70
N ASN A 58 -8.42 -30.91 -8.78
CA ASN A 58 -8.32 -31.39 -7.42
C ASN A 58 -9.60 -31.04 -6.66
N GLY A 59 -10.49 -30.28 -7.29
CA GLY A 59 -11.74 -29.92 -6.64
C GLY A 59 -11.70 -28.62 -5.84
N ASP A 60 -10.52 -28.03 -5.73
CA ASP A 60 -10.34 -26.76 -5.01
C ASP A 60 -11.36 -25.75 -5.50
N ILE A 61 -11.60 -25.77 -6.81
CA ILE A 61 -12.55 -24.87 -7.45
C ILE A 61 -13.81 -25.64 -7.82
N ILE A 62 -14.95 -24.99 -7.65
CA ILE A 62 -16.24 -25.61 -7.99
C ILE A 62 -16.76 -24.86 -9.22
N PRO A 63 -16.59 -25.45 -10.41
CA PRO A 63 -17.02 -24.89 -11.70
C PRO A 63 -18.34 -24.14 -11.72
N ASP A 64 -19.43 -24.80 -11.36
CA ASP A 64 -20.75 -24.20 -11.37
C ASP A 64 -21.09 -23.38 -10.12
N ALA A 65 -20.17 -23.28 -9.17
CA ALA A 65 -20.42 -22.51 -7.96
C ALA A 65 -20.49 -21.02 -8.28
N GLN A 66 -21.33 -20.30 -7.56
CA GLN A 66 -21.49 -18.86 -7.79
C GLN A 66 -21.46 -18.04 -6.51
N PRO A 67 -20.97 -16.79 -6.61
CA PRO A 67 -20.88 -15.86 -5.47
C PRO A 67 -22.25 -15.59 -4.87
N LYS A 68 -22.31 -15.55 -3.54
CA LYS A 68 -23.55 -15.30 -2.83
C LYS A 68 -23.36 -14.22 -1.76
N ARG A 69 -24.19 -13.18 -1.80
CA ARG A 69 -24.08 -12.10 -0.83
C ARG A 69 -24.54 -12.60 0.53
N ILE A 70 -23.84 -12.20 1.58
CA ILE A 70 -24.17 -12.62 2.94
C ILE A 70 -24.74 -11.46 3.74
N THR A 71 -24.03 -10.33 3.73
CA THR A 71 -24.49 -9.17 4.49
C THR A 71 -24.41 -7.89 3.67
N SER A 72 -25.48 -7.11 3.74
CA SER A 72 -25.58 -5.86 3.02
C SER A 72 -25.69 -4.69 4.00
N LEU A 73 -24.65 -3.86 4.05
CA LEU A 73 -24.63 -2.72 4.94
C LEU A 73 -24.28 -1.46 4.15
N GLY A 74 -25.18 -1.04 3.27
CA GLY A 74 -24.95 0.15 2.46
C GLY A 74 -23.81 0.01 1.48
N ALA A 75 -22.83 0.90 1.58
CA ALA A 75 -21.67 0.90 0.70
C ALA A 75 -20.80 -0.33 0.90
N ILE A 76 -21.03 -1.04 2.01
CA ILE A 76 -20.27 -2.22 2.36
C ILE A 76 -21.08 -3.51 2.22
N GLU A 77 -20.47 -4.52 1.61
CA GLU A 77 -21.12 -5.81 1.46
C GLU A 77 -20.15 -6.96 1.64
N GLN A 78 -20.62 -8.00 2.32
CA GLN A 78 -19.85 -9.19 2.59
C GLN A 78 -20.43 -10.29 1.70
N TRP A 79 -19.56 -10.95 0.93
CA TRP A 79 -19.99 -12.02 0.03
C TRP A 79 -19.24 -13.32 0.26
N ASP A 80 -19.87 -14.42 -0.17
CA ASP A 80 -19.27 -15.75 -0.04
C ASP A 80 -19.03 -16.29 -1.46
N ALA A 81 -17.76 -16.44 -1.84
CA ALA A 81 -17.41 -16.92 -3.16
C ALA A 81 -17.85 -18.36 -3.40
N GLN A 82 -18.08 -19.09 -2.31
CA GLN A 82 -18.49 -20.48 -2.38
C GLN A 82 -17.52 -21.30 -3.23
N ARG A 83 -16.23 -21.00 -3.04
CA ARG A 83 -15.15 -21.67 -3.75
C ARG A 83 -15.33 -21.75 -5.25
N SER A 84 -15.89 -20.68 -5.82
CA SER A 84 -16.10 -20.61 -7.27
C SER A 84 -14.80 -20.22 -7.95
N ILE A 85 -14.82 -20.16 -9.27
CA ILE A 85 -13.64 -19.77 -10.05
C ILE A 85 -13.18 -18.37 -9.60
N GLY A 86 -11.90 -18.24 -9.32
CA GLY A 86 -11.35 -16.98 -8.85
C GLY A 86 -11.44 -15.75 -9.72
N ASN A 87 -11.03 -15.84 -10.97
CA ASN A 87 -11.07 -14.67 -11.85
C ASN A 87 -12.48 -14.26 -12.24
N LEU A 88 -13.35 -15.22 -12.51
CA LEU A 88 -14.72 -14.91 -12.87
C LEU A 88 -15.48 -14.26 -11.72
N THR A 89 -15.31 -14.79 -10.52
CA THR A 89 -15.99 -14.24 -9.36
C THR A 89 -15.45 -12.86 -9.00
N ALA A 90 -14.13 -12.69 -9.01
CA ALA A 90 -13.52 -11.40 -8.68
C ALA A 90 -14.05 -10.33 -9.62
N LYS A 91 -14.06 -10.63 -10.91
CA LYS A 91 -14.56 -9.68 -11.88
C LYS A 91 -15.96 -9.24 -11.49
N LYS A 92 -16.79 -10.20 -11.06
CA LYS A 92 -18.16 -9.87 -10.66
C LYS A 92 -18.19 -9.08 -9.34
N MSE A 93 -17.35 -9.45 -8.38
CA MSE A 93 -17.34 -8.74 -7.10
C MSE A 93 -16.87 -7.29 -7.24
O MSE A 93 -17.39 -6.41 -6.56
CB MSE A 93 -16.52 -9.51 -6.08
CG MSE A 93 -17.12 -10.88 -5.73
SE MSE A 93 -18.92 -10.69 -5.01
CE MSE A 93 -19.91 -10.81 -6.66
N MSE A 94 -15.89 -7.05 -8.10
CA MSE A 94 -15.40 -5.68 -8.30
C MSE A 94 -16.46 -4.87 -9.05
O MSE A 94 -16.56 -3.65 -8.89
CB MSE A 94 -14.10 -5.64 -9.10
CG MSE A 94 -13.71 -4.22 -9.55
SE MSE A 94 -13.50 -2.93 -8.10
CE MSE A 94 -11.61 -3.21 -7.76
N ASP A 95 -17.25 -5.55 -9.88
CA ASP A 95 -18.31 -4.87 -10.61
C ASP A 95 -19.41 -4.45 -9.65
N ARG A 96 -19.54 -5.20 -8.56
CA ARG A 96 -20.54 -4.90 -7.55
C ARG A 96 -20.07 -3.72 -6.69
N ALA A 97 -18.77 -3.66 -6.44
CA ALA A 97 -18.19 -2.58 -5.65
C ALA A 97 -18.40 -1.29 -6.42
N ILE A 98 -18.30 -1.38 -7.75
CA ILE A 98 -18.48 -0.25 -8.66
C ILE A 98 -19.93 0.21 -8.59
N GLU A 99 -20.87 -0.73 -8.62
CA GLU A 99 -22.28 -0.43 -8.55
C GLU A 99 -22.59 0.32 -7.25
N LEU A 100 -22.00 -0.16 -6.16
CA LEU A 100 -22.18 0.45 -4.85
C LEU A 100 -21.59 1.85 -4.85
N ALA A 101 -20.42 2.01 -5.47
CA ALA A 101 -19.76 3.31 -5.54
C ALA A 101 -20.63 4.30 -6.32
N ALA A 102 -21.26 3.82 -7.38
CA ALA A 102 -22.11 4.68 -8.19
C ALA A 102 -23.23 5.30 -7.34
N ASP A 103 -23.64 4.61 -6.27
CA ASP A 103 -24.69 5.15 -5.43
C ASP A 103 -24.22 5.74 -4.11
N HIS A 104 -23.15 5.17 -3.54
CA HIS A 104 -22.64 5.65 -2.26
C HIS A 104 -21.34 6.45 -2.35
N GLY A 105 -20.83 6.61 -3.56
CA GLY A 105 -19.59 7.34 -3.75
C GLY A 105 -18.40 6.43 -3.58
N ILE A 106 -18.62 5.37 -2.81
CA ILE A 106 -17.57 4.40 -2.57
C ILE A 106 -18.22 3.06 -2.29
N GLY A 107 -17.58 2.00 -2.76
CA GLY A 107 -18.09 0.67 -2.56
C GLY A 107 -16.99 -0.30 -2.15
N LEU A 108 -17.33 -1.17 -1.22
CA LEU A 108 -16.38 -2.15 -0.73
C LEU A 108 -17.05 -3.50 -0.66
N VAL A 109 -16.43 -4.48 -1.30
CA VAL A 109 -16.93 -5.84 -1.29
C VAL A 109 -15.90 -6.73 -0.62
N ALA A 110 -16.32 -7.40 0.45
CA ALA A 110 -15.45 -8.31 1.17
C ALA A 110 -15.90 -9.74 0.85
N LEU A 111 -15.02 -10.49 0.21
CA LEU A 111 -15.31 -11.86 -0.23
C LEU A 111 -14.53 -12.94 0.49
N ARG A 112 -15.24 -13.93 1.01
CA ARG A 112 -14.56 -15.04 1.67
C ARG A 112 -14.73 -16.30 0.84
N ASN A 113 -14.03 -17.36 1.25
CA ASN A 113 -14.09 -18.66 0.57
C ASN A 113 -13.85 -18.57 -0.93
N ALA A 114 -12.94 -17.70 -1.35
CA ALA A 114 -12.68 -17.54 -2.77
C ALA A 114 -11.49 -18.35 -3.25
N ASN A 115 -11.26 -18.31 -4.56
CA ASN A 115 -10.13 -19.00 -5.16
C ASN A 115 -9.23 -17.94 -5.78
N HIS A 116 -7.97 -18.29 -6.04
CA HIS A 116 -7.00 -17.36 -6.60
C HIS A 116 -7.60 -16.60 -7.78
N TRP A 117 -7.50 -15.27 -7.72
CA TRP A 117 -8.06 -14.41 -8.76
C TRP A 117 -7.15 -14.17 -9.98
N MSE A 118 -6.04 -14.90 -10.05
CA MSE A 118 -5.10 -14.78 -11.15
C MSE A 118 -4.43 -13.40 -11.14
O MSE A 118 -3.46 -13.19 -10.41
CB MSE A 118 -5.83 -15.01 -12.48
CG MSE A 118 -5.31 -16.18 -13.34
SE MSE A 118 -4.92 -17.84 -12.41
CE MSE A 118 -6.53 -18.05 -11.37
N ARG A 119 -4.97 -12.47 -11.93
CA ARG A 119 -4.41 -11.13 -12.02
C ARG A 119 -5.26 -10.09 -11.29
N GLY A 120 -4.79 -9.66 -10.12
CA GLY A 120 -5.52 -8.66 -9.38
C GLY A 120 -5.74 -7.40 -10.20
N GLY A 121 -4.75 -7.04 -11.01
CA GLY A 121 -4.85 -5.86 -11.85
C GLY A 121 -6.05 -5.84 -12.79
N SER A 122 -6.62 -7.00 -13.07
CA SER A 122 -7.76 -7.10 -13.96
C SER A 122 -8.93 -6.30 -13.39
N TYR A 123 -9.10 -6.39 -12.08
CA TYR A 123 -10.19 -5.73 -11.37
C TYR A 123 -9.93 -4.24 -11.14
N GLY A 124 -8.67 -3.89 -10.89
CA GLY A 124 -8.35 -2.49 -10.71
C GLY A 124 -8.59 -1.81 -12.05
N TRP A 125 -8.14 -2.48 -13.11
CA TRP A 125 -8.29 -1.96 -14.46
C TRP A 125 -9.75 -1.74 -14.88
N GLN A 126 -10.61 -2.74 -14.62
CA GLN A 126 -12.00 -2.63 -15.00
C GLN A 126 -12.68 -1.48 -14.27
N ALA A 127 -12.20 -1.18 -13.07
CA ALA A 127 -12.73 -0.06 -12.28
C ALA A 127 -12.34 1.24 -12.95
N ALA A 128 -11.05 1.38 -13.27
CA ALA A 128 -10.51 2.57 -13.92
C ALA A 128 -11.15 2.81 -15.30
N GLU A 129 -11.47 1.72 -15.99
CA GLU A 129 -12.10 1.82 -17.31
C GLU A 129 -13.45 2.50 -17.16
N LYS A 130 -14.11 2.29 -16.03
CA LYS A 130 -15.42 2.87 -15.76
C LYS A 130 -15.33 4.27 -15.19
N GLY A 131 -14.11 4.78 -15.04
CA GLY A 131 -13.92 6.13 -14.50
C GLY A 131 -13.74 6.17 -13.00
N TYR A 132 -13.70 5.01 -12.36
CA TYR A 132 -13.54 4.94 -10.91
C TYR A 132 -12.10 4.62 -10.51
N ILE A 133 -11.76 4.90 -9.26
CA ILE A 133 -10.45 4.57 -8.75
C ILE A 133 -10.66 3.14 -8.25
N GLY A 134 -9.76 2.25 -8.59
CA GLY A 134 -9.90 0.87 -8.17
C GLY A 134 -8.83 0.39 -7.21
N ILE A 135 -9.26 -0.20 -6.10
CA ILE A 135 -8.33 -0.73 -5.10
C ILE A 135 -8.75 -2.13 -4.69
N CYS A 136 -7.83 -3.08 -4.75
CA CYS A 136 -8.15 -4.43 -4.33
C CYS A 136 -6.90 -5.17 -3.90
N TRP A 137 -7.10 -6.23 -3.14
CA TRP A 137 -6.02 -7.07 -2.67
C TRP A 137 -6.64 -8.39 -2.23
N THR A 138 -5.79 -9.39 -2.01
CA THR A 138 -6.23 -10.72 -1.62
C THR A 138 -5.19 -11.27 -0.66
N ASN A 139 -5.50 -12.37 0.02
CA ASN A 139 -4.50 -13.00 0.88
C ASN A 139 -4.24 -14.31 0.17
N SER A 140 -3.39 -15.16 0.74
CA SER A 140 -3.06 -16.44 0.11
C SER A 140 -2.57 -17.43 1.14
N ILE A 141 -2.08 -18.58 0.68
CA ILE A 141 -1.57 -19.57 1.62
C ILE A 141 -0.16 -19.10 2.00
N ALA A 142 0.34 -19.55 3.14
CA ALA A 142 1.67 -19.14 3.58
C ALA A 142 2.71 -19.48 2.52
N VAL A 143 3.28 -18.44 1.90
CA VAL A 143 4.30 -18.61 0.88
C VAL A 143 5.46 -17.64 1.10
N MSE A 144 5.34 -16.80 2.14
CA MSE A 144 6.36 -15.82 2.51
C MSE A 144 6.70 -15.81 4.00
O MSE A 144 5.81 -15.76 4.85
CB MSE A 144 5.92 -14.40 2.18
CG MSE A 144 6.62 -13.79 1.02
SE MSE A 144 7.05 -11.93 1.23
CE MSE A 144 5.33 -11.20 1.76
N PRO A 145 7.99 -15.84 4.33
CA PRO A 145 8.32 -15.81 5.76
C PRO A 145 8.30 -14.35 6.23
N PRO A 146 7.64 -14.09 7.38
CA PRO A 146 7.60 -12.72 7.88
C PRO A 146 9.03 -12.26 8.14
N TRP A 147 9.28 -10.96 8.07
CA TRP A 147 10.62 -10.44 8.29
C TRP A 147 11.18 -10.94 9.63
N GLY A 148 12.37 -11.54 9.59
CA GLY A 148 12.98 -12.07 10.79
C GLY A 148 12.85 -13.58 10.87
N ALA A 149 12.02 -14.16 10.01
CA ALA A 149 11.79 -15.61 9.99
C ALA A 149 12.33 -16.31 8.74
N LYS A 150 12.45 -17.64 8.80
CA LYS A 150 12.93 -18.42 7.67
C LYS A 150 11.85 -19.39 7.22
N GLU A 151 10.74 -19.40 7.95
CA GLU A 151 9.60 -20.27 7.64
C GLU A 151 8.45 -19.40 7.13
N CYS A 152 7.76 -19.88 6.09
CA CYS A 152 6.64 -19.16 5.49
C CYS A 152 5.42 -19.15 6.41
N ARG A 153 4.98 -17.95 6.79
CA ARG A 153 3.82 -17.79 7.66
C ARG A 153 3.01 -16.57 7.23
N ILE A 154 3.43 -15.97 6.11
CA ILE A 154 2.79 -14.78 5.56
C ILE A 154 2.48 -14.99 4.07
N GLY A 155 1.58 -14.19 3.53
CA GLY A 155 1.20 -14.32 2.12
C GLY A 155 1.77 -13.26 1.21
N THR A 156 1.67 -13.48 -0.10
CA THR A 156 2.18 -12.53 -1.07
C THR A 156 1.22 -11.36 -1.18
N ASN A 157 -0.02 -11.61 -0.76
CA ASN A 157 -1.11 -10.63 -0.72
C ASN A 157 -0.97 -9.40 -1.63
N PRO A 158 -1.07 -9.60 -2.96
CA PRO A 158 -0.96 -8.53 -3.96
C PRO A 158 -1.94 -7.39 -3.72
N LEU A 159 -1.43 -6.18 -3.84
CA LEU A 159 -2.22 -4.97 -3.65
C LEU A 159 -2.29 -4.25 -4.98
N ILE A 160 -3.50 -3.89 -5.39
CA ILE A 160 -3.73 -3.20 -6.65
C ILE A 160 -4.38 -1.83 -6.43
N VAL A 161 -3.87 -0.83 -7.12
CA VAL A 161 -4.39 0.54 -7.07
C VAL A 161 -4.37 1.03 -8.51
N ALA A 162 -5.55 1.33 -9.05
CA ALA A 162 -5.68 1.79 -10.44
C ALA A 162 -6.37 3.14 -10.52
N ILE A 163 -5.84 4.01 -11.40
CA ILE A 163 -6.36 5.36 -11.58
C ILE A 163 -6.94 5.58 -12.99
N PRO A 164 -8.14 6.19 -13.08
CA PRO A 164 -8.80 6.47 -14.36
C PRO A 164 -8.12 7.57 -15.17
N SER A 165 -6.81 7.43 -15.35
CA SER A 165 -6.03 8.39 -16.11
C SER A 165 -5.92 7.90 -17.55
N THR A 166 -5.25 8.69 -18.39
CA THR A 166 -5.05 8.32 -19.79
C THR A 166 -3.58 8.41 -20.17
N PRO A 167 -2.92 7.25 -20.36
CA PRO A 167 -3.44 5.88 -20.25
C PRO A 167 -3.73 5.59 -18.79
N ILE A 168 -4.38 4.47 -18.51
CA ILE A 168 -4.69 4.08 -17.14
C ILE A 168 -3.38 3.85 -16.38
N THR A 169 -3.28 4.40 -15.17
CA THR A 169 -2.09 4.24 -14.33
C THR A 169 -2.47 3.26 -13.24
N MSE A 170 -1.63 2.24 -13.03
CA MSE A 170 -1.95 1.22 -12.05
C MSE A 170 -0.80 0.39 -11.53
O MSE A 170 0.10 0.01 -12.28
CB MSE A 170 -2.99 0.27 -12.66
CG MSE A 170 -3.41 -0.90 -11.78
SE MSE A 170 -4.65 -2.12 -12.64
CE MSE A 170 -3.38 -3.05 -13.78
N VAL A 171 -0.81 0.11 -10.23
CA VAL A 171 0.19 -0.75 -9.61
C VAL A 171 -0.55 -2.05 -9.28
N ASP A 172 0.15 -3.16 -9.38
CA ASP A 172 -0.37 -4.49 -9.09
C ASP A 172 0.89 -5.16 -8.56
N MSE A 173 1.11 -5.03 -7.25
CA MSE A 173 2.33 -5.52 -6.63
C MSE A 173 2.22 -6.53 -5.50
O MSE A 173 1.48 -6.33 -4.53
CB MSE A 173 3.14 -4.33 -6.11
CG MSE A 173 2.39 -3.52 -5.06
SE MSE A 173 3.43 -2.05 -4.30
CE MSE A 173 3.49 -0.97 -5.87
N SER A 174 2.97 -7.62 -5.63
CA SER A 174 3.05 -8.67 -4.63
C SER A 174 3.81 -8.07 -3.46
N MSE A 175 3.53 -8.51 -2.24
CA MSE A 175 4.26 -7.99 -1.10
C MSE A 175 5.67 -8.56 -1.13
O MSE A 175 6.55 -8.10 -0.40
CB MSE A 175 3.55 -8.33 0.22
CG MSE A 175 2.22 -7.56 0.40
SE MSE A 175 2.43 -5.64 0.31
CE MSE A 175 1.70 -5.30 -1.44
N SER A 176 5.90 -9.58 -1.97
CA SER A 176 7.25 -10.10 -2.11
C SER A 176 7.85 -9.26 -3.25
N MSE A 177 9.15 -8.97 -3.19
CA MSE A 177 9.80 -8.15 -4.22
C MSE A 177 9.38 -8.63 -5.60
O MSE A 177 9.04 -7.83 -6.48
CB MSE A 177 11.31 -8.24 -4.11
CG MSE A 177 12.02 -6.94 -3.74
SE MSE A 177 11.40 -5.34 -4.64
CE MSE A 177 11.94 -5.75 -6.44
N PHE A 178 9.44 -9.95 -5.76
CA PHE A 178 9.05 -10.63 -6.98
C PHE A 178 8.01 -11.65 -6.57
N SER A 179 6.89 -11.66 -7.27
CA SER A 179 5.86 -12.65 -6.98
C SER A 179 6.45 -13.96 -7.48
N TYR A 180 5.85 -15.09 -7.12
CA TYR A 180 6.38 -16.35 -7.59
C TYR A 180 6.20 -16.45 -9.10
N GLY A 181 5.14 -15.83 -9.60
CA GLY A 181 4.89 -15.85 -11.02
C GLY A 181 5.99 -15.11 -11.78
N MSE A 182 6.51 -14.05 -11.20
CA MSE A 182 7.58 -13.31 -11.87
C MSE A 182 8.93 -14.01 -11.75
O MSE A 182 9.81 -13.79 -12.58
CB MSE A 182 7.68 -11.86 -11.34
CG MSE A 182 6.56 -10.95 -11.88
SE MSE A 182 6.45 -11.02 -13.82
CE MSE A 182 8.29 -10.61 -14.26
N LEU A 183 9.09 -14.81 -10.70
CA LEU A 183 10.34 -15.55 -10.52
C LEU A 183 10.41 -16.56 -11.66
N GLU A 184 9.27 -17.16 -11.96
CA GLU A 184 9.17 -18.14 -13.04
C GLU A 184 9.42 -17.45 -14.36
N VAL A 185 8.82 -16.29 -14.54
CA VAL A 185 9.01 -15.55 -15.77
C VAL A 185 10.50 -15.38 -16.06
N ASN A 186 11.27 -14.99 -15.04
CA ASN A 186 12.70 -14.81 -15.24
C ASN A 186 13.40 -16.12 -15.54
N ARG A 187 13.05 -17.16 -14.82
CA ARG A 187 13.67 -18.47 -15.06
C ARG A 187 13.38 -18.93 -16.49
N LEU A 188 12.14 -18.77 -16.95
CA LEU A 188 11.77 -19.19 -18.31
C LEU A 188 12.52 -18.39 -19.37
N ALA A 189 12.94 -17.18 -19.01
CA ALA A 189 13.66 -16.31 -19.92
C ALA A 189 15.16 -16.54 -19.78
N GLY A 190 15.53 -17.46 -18.89
CA GLY A 190 16.93 -17.78 -18.67
C GLY A 190 17.75 -16.65 -18.09
N ARG A 191 17.18 -15.87 -17.20
CA ARG A 191 17.92 -14.77 -16.60
C ARG A 191 17.85 -14.75 -15.08
N GLN A 192 18.66 -13.89 -14.48
CA GLN A 192 18.73 -13.74 -13.03
C GLN A 192 17.93 -12.48 -12.64
N LEU A 193 17.56 -12.36 -11.38
CA LEU A 193 16.80 -11.19 -10.96
C LEU A 193 17.69 -9.95 -10.90
N PRO A 194 17.12 -8.77 -11.25
CA PRO A 194 17.85 -7.50 -11.25
C PRO A 194 18.18 -7.04 -9.82
N VAL A 195 17.42 -7.55 -8.86
CA VAL A 195 17.66 -7.21 -7.46
C VAL A 195 17.39 -8.45 -6.62
N ASP A 196 17.85 -8.42 -5.38
CA ASP A 196 17.68 -9.53 -4.44
C ASP A 196 16.23 -9.99 -4.39
N GLY A 197 16.00 -11.30 -4.53
CA GLY A 197 14.66 -11.84 -4.50
C GLY A 197 14.40 -12.83 -3.36
N GLY A 198 15.44 -13.15 -2.60
CA GLY A 198 15.27 -14.09 -1.50
C GLY A 198 16.58 -14.52 -0.89
N PHE A 199 16.52 -15.59 -0.10
CA PHE A 199 17.70 -16.13 0.58
C PHE A 199 17.94 -17.57 0.11
N ASP A 200 19.20 -17.99 0.08
CA ASP A 200 19.51 -19.36 -0.33
C ASP A 200 19.45 -20.28 0.89
N ASP A 201 20.02 -21.47 0.75
CA ASP A 201 20.04 -22.44 1.85
C ASP A 201 20.60 -21.78 3.12
N GLU A 202 19.69 -21.24 3.94
CA GLU A 202 20.06 -20.56 5.18
C GLU A 202 21.34 -19.73 4.98
N GLY A 203 21.28 -18.80 4.05
CA GLY A 203 22.45 -17.97 3.78
C GLY A 203 22.13 -16.52 3.53
N ASN A 204 22.77 -15.96 2.50
CA ASN A 204 22.57 -14.56 2.15
C ASN A 204 21.51 -14.42 1.08
N LEU A 205 21.28 -13.18 0.68
CA LEU A 205 20.31 -12.86 -0.35
C LEU A 205 20.83 -13.41 -1.68
N THR A 206 19.92 -13.84 -2.54
CA THR A 206 20.29 -14.37 -3.84
C THR A 206 19.41 -13.82 -4.95
N LYS A 207 19.90 -13.92 -6.19
CA LYS A 207 19.16 -13.44 -7.35
C LYS A 207 18.80 -14.58 -8.30
N GLU A 208 18.90 -15.81 -7.79
CA GLU A 208 18.59 -17.00 -8.58
C GLU A 208 17.14 -17.43 -8.40
N PRO A 209 16.30 -17.24 -9.42
CA PRO A 209 14.88 -17.61 -9.36
C PRO A 209 14.63 -19.00 -8.79
N GLY A 210 15.30 -20.00 -9.36
CA GLY A 210 15.14 -21.38 -8.92
C GLY A 210 15.37 -21.67 -7.45
N VAL A 211 16.43 -21.11 -6.89
CA VAL A 211 16.76 -21.33 -5.48
C VAL A 211 15.62 -20.86 -4.59
N ILE A 212 15.12 -19.66 -4.88
CA ILE A 212 14.04 -19.08 -4.10
C ILE A 212 12.76 -19.90 -4.22
N GLU A 213 12.47 -20.39 -5.42
CA GLU A 213 11.27 -21.19 -5.64
C GLU A 213 11.29 -22.48 -4.83
N LYS A 214 12.49 -23.02 -4.62
CA LYS A 214 12.66 -24.27 -3.88
C LYS A 214 12.51 -24.13 -2.37
N ASN A 215 13.33 -23.28 -1.75
CA ASN A 215 13.24 -23.10 -0.29
C ASN A 215 12.12 -22.17 0.14
N ARG A 216 11.57 -21.42 -0.81
CA ARG A 216 10.49 -20.48 -0.56
C ARG A 216 10.86 -19.35 0.42
N ARG A 217 12.14 -19.05 0.54
CA ARG A 217 12.56 -17.95 1.41
C ARG A 217 12.62 -16.72 0.51
N ILE A 218 11.45 -16.30 0.06
CA ILE A 218 11.32 -15.16 -0.83
C ILE A 218 11.40 -13.85 -0.04
N LEU A 219 12.15 -12.89 -0.59
CA LEU A 219 12.37 -11.59 0.04
C LEU A 219 11.20 -10.64 -0.04
N PRO A 220 10.73 -10.14 1.11
CA PRO A 220 9.60 -9.22 1.12
C PRO A 220 10.00 -7.89 0.49
N MSE A 221 9.09 -7.28 -0.25
CA MSE A 221 9.35 -5.99 -0.84
C MSE A 221 9.66 -5.03 0.31
O MSE A 221 8.87 -4.92 1.25
CB MSE A 221 8.12 -5.50 -1.60
CG MSE A 221 8.04 -3.99 -1.75
SE MSE A 221 6.22 -3.51 -2.07
CE MSE A 221 5.75 -2.99 -0.27
N GLY A 222 10.79 -4.35 0.24
CA GLY A 222 11.12 -3.42 1.31
C GLY A 222 11.35 -4.05 2.67
N TYR A 223 11.74 -5.32 2.68
CA TYR A 223 12.03 -6.03 3.93
C TYR A 223 10.88 -6.00 4.93
N TRP A 224 11.11 -5.36 6.07
CA TRP A 224 10.09 -5.29 7.11
C TRP A 224 8.83 -4.55 6.66
N LYS A 225 8.96 -3.69 5.66
CA LYS A 225 7.80 -2.93 5.17
C LYS A 225 6.80 -3.81 4.42
N GLY A 226 7.29 -4.57 3.44
CA GLY A 226 6.41 -5.47 2.69
C GLY A 226 5.85 -6.55 3.59
N SER A 227 6.69 -7.06 4.47
CA SER A 227 6.26 -8.09 5.42
C SER A 227 5.12 -7.55 6.26
N GLY A 228 5.30 -6.33 6.78
CA GLY A 228 4.30 -5.71 7.61
C GLY A 228 2.99 -5.43 6.90
N MSE A 229 3.09 -4.89 5.69
CA MSE A 229 1.91 -4.58 4.91
C MSE A 229 1.12 -5.85 4.60
O MSE A 229 -0.11 -5.86 4.66
CB MSE A 229 2.33 -3.85 3.62
CG MSE A 229 1.17 -3.40 2.74
SE MSE A 229 -0.05 -2.22 3.68
CE MSE A 229 1.00 -0.59 3.59
N SER A 230 1.83 -6.93 4.29
CA SER A 230 1.17 -8.21 4.00
C SER A 230 0.26 -8.64 5.15
N ILE A 231 0.79 -8.55 6.36
CA ILE A 231 0.05 -8.92 7.55
C ILE A 231 -1.20 -8.07 7.76
N VAL A 232 -1.09 -6.74 7.65
CA VAL A 232 -2.28 -5.91 7.86
C VAL A 232 -3.33 -6.12 6.77
N LEU A 233 -2.87 -6.42 5.56
CA LEU A 233 -3.77 -6.68 4.44
C LEU A 233 -4.53 -7.97 4.72
N ASP A 234 -3.82 -8.96 5.28
CA ASP A 234 -4.45 -10.24 5.61
C ASP A 234 -5.53 -9.98 6.67
N MSE A 235 -5.18 -9.21 7.70
CA MSE A 235 -6.11 -8.88 8.78
C MSE A 235 -7.40 -8.24 8.25
O MSE A 235 -8.49 -8.66 8.62
CB MSE A 235 -5.46 -7.95 9.80
CG MSE A 235 -4.38 -8.63 10.63
SE MSE A 235 -3.48 -7.49 11.90
CE MSE A 235 -2.46 -8.86 12.79
N ILE A 236 -7.26 -7.23 7.41
CA ILE A 236 -8.42 -6.56 6.85
C ILE A 236 -9.25 -7.51 6.02
N ALA A 237 -8.59 -8.28 5.15
CA ALA A 237 -9.31 -9.23 4.31
C ALA A 237 -10.05 -10.26 5.17
N THR A 238 -9.41 -10.72 6.25
CA THR A 238 -10.02 -11.70 7.13
C THR A 238 -11.19 -11.12 7.95
N LEU A 239 -11.02 -9.94 8.50
CA LEU A 239 -12.05 -9.29 9.31
C LEU A 239 -13.31 -8.90 8.55
N LEU A 240 -13.16 -8.02 7.56
CA LEU A 240 -14.28 -7.55 6.77
C LEU A 240 -15.12 -8.64 6.10
N SER A 241 -14.48 -9.74 5.72
CA SER A 241 -15.19 -10.84 5.08
C SER A 241 -15.56 -11.92 6.08
N ASP A 242 -14.97 -11.82 7.27
CA ASP A 242 -15.19 -12.82 8.31
C ASP A 242 -14.86 -14.16 7.67
N GLY A 243 -13.75 -14.19 6.96
CA GLY A 243 -13.32 -15.39 6.29
C GLY A 243 -12.05 -15.99 6.84
N ALA A 244 -11.36 -16.73 6.00
CA ALA A 244 -10.12 -17.38 6.39
C ALA A 244 -8.90 -16.51 6.09
N SER A 245 -7.98 -16.50 7.05
CA SER A 245 -6.74 -15.76 6.95
C SER A 245 -5.70 -16.66 6.32
N VAL A 246 -4.49 -16.15 6.17
CA VAL A 246 -3.40 -16.96 5.60
C VAL A 246 -3.16 -18.18 6.48
N ALA A 247 -3.19 -17.97 7.79
CA ALA A 247 -2.97 -19.05 8.76
C ALA A 247 -4.06 -20.11 8.63
N GLU A 248 -5.32 -19.68 8.55
CA GLU A 248 -6.44 -20.63 8.46
C GLU A 248 -6.38 -21.46 7.19
N VAL A 249 -6.12 -20.81 6.07
CA VAL A 249 -6.03 -21.50 4.80
C VAL A 249 -4.84 -22.47 4.81
N THR A 250 -3.71 -22.03 5.37
CA THR A 250 -2.53 -22.87 5.39
C THR A 250 -2.65 -24.05 6.35
N GLN A 251 -3.45 -23.91 7.41
CA GLN A 251 -3.61 -24.99 8.38
C GLN A 251 -4.90 -25.81 8.21
N ASP A 252 -5.91 -25.25 7.56
CA ASP A 252 -7.17 -25.98 7.40
C ASP A 252 -7.54 -26.36 5.98
N ASN A 253 -6.65 -26.12 5.04
CA ASN A 253 -6.93 -26.46 3.65
C ASN A 253 -5.78 -27.26 3.04
N SER A 254 -6.11 -28.13 2.08
CA SER A 254 -5.11 -28.96 1.44
C SER A 254 -4.24 -28.16 0.49
N ASP A 255 -4.78 -27.06 -0.02
CA ASP A 255 -4.03 -26.20 -0.94
C ASP A 255 -4.54 -24.77 -0.82
N GLU A 256 -4.16 -23.94 -1.79
CA GLU A 256 -4.56 -22.54 -1.77
C GLU A 256 -5.98 -22.31 -2.29
N TYR A 257 -6.94 -22.34 -1.37
CA TYR A 257 -8.34 -22.10 -1.72
C TYR A 257 -9.06 -21.63 -0.45
N GLY A 258 -10.25 -21.06 -0.62
CA GLY A 258 -10.98 -20.55 0.51
C GLY A 258 -10.32 -19.30 1.08
N ILE A 259 -9.70 -18.52 0.20
CA ILE A 259 -9.02 -17.28 0.60
C ILE A 259 -9.97 -16.09 0.63
N SER A 260 -9.51 -14.96 1.17
CA SER A 260 -10.34 -13.76 1.29
C SER A 260 -9.81 -12.60 0.43
N GLN A 261 -10.73 -11.89 -0.22
CA GLN A 261 -10.34 -10.78 -1.08
C GLN A 261 -11.15 -9.52 -0.80
N ILE A 262 -10.55 -8.36 -1.08
CA ILE A 262 -11.21 -7.08 -0.85
C ILE A 262 -11.23 -6.31 -2.16
N PHE A 263 -12.40 -5.77 -2.50
CA PHE A 263 -12.59 -5.00 -3.75
C PHE A 263 -13.21 -3.65 -3.43
N ILE A 264 -12.52 -2.58 -3.81
CA ILE A 264 -12.97 -1.22 -3.55
C ILE A 264 -13.05 -0.36 -4.82
N ALA A 265 -14.05 0.50 -4.91
CA ALA A 265 -14.20 1.41 -6.04
C ALA A 265 -14.55 2.77 -5.44
N ILE A 266 -13.90 3.81 -5.94
CA ILE A 266 -14.17 5.14 -5.42
C ILE A 266 -14.54 6.07 -6.55
N GLU A 267 -15.74 6.66 -6.46
CA GLU A 267 -16.20 7.58 -7.49
C GLU A 267 -15.31 8.82 -7.48
N VAL A 268 -15.06 9.38 -8.65
CA VAL A 268 -14.20 10.57 -8.81
C VAL A 268 -14.91 11.81 -9.36
N ASP A 269 -15.71 11.59 -10.39
CA ASP A 269 -16.43 12.66 -11.09
C ASP A 269 -17.26 13.64 -10.26
N LYS A 270 -17.68 13.23 -9.07
CA LYS A 270 -18.48 14.12 -8.23
C LYS A 270 -17.60 14.97 -7.33
N LEU A 271 -16.32 14.62 -7.23
CA LEU A 271 -15.41 15.37 -6.38
C LEU A 271 -14.54 16.35 -7.16
N ILE A 272 -14.35 16.08 -8.45
CA ILE A 272 -13.54 16.94 -9.29
C ILE A 272 -14.07 16.91 -10.72
N ASP A 273 -14.06 18.06 -11.37
CA ASP A 273 -14.52 18.23 -12.75
C ASP A 273 -13.68 17.36 -13.69
N GLY A 274 -14.30 16.83 -14.73
CA GLY A 274 -13.60 15.98 -15.69
C GLY A 274 -12.40 16.65 -16.33
N PRO A 275 -12.57 17.83 -16.93
CA PRO A 275 -11.45 18.54 -17.56
C PRO A 275 -10.28 18.77 -16.60
N THR A 276 -10.61 19.22 -15.39
CA THR A 276 -9.60 19.49 -14.37
C THR A 276 -8.94 18.20 -13.92
N ARG A 277 -9.72 17.12 -13.87
CA ARG A 277 -9.18 15.83 -13.48
C ARG A 277 -8.13 15.40 -14.51
N ASP A 278 -8.48 15.48 -15.80
CA ASP A 278 -7.52 15.09 -16.83
C ASP A 278 -6.30 16.01 -16.84
N ALA A 279 -6.52 17.28 -16.52
CA ALA A 279 -5.45 18.27 -16.49
C ALA A 279 -4.46 18.04 -15.35
N LYS A 280 -4.97 17.78 -14.15
CA LYS A 280 -4.09 17.55 -13.00
C LYS A 280 -3.33 16.23 -13.14
N LEU A 281 -4.00 15.23 -13.69
CA LEU A 281 -3.39 13.92 -13.91
C LEU A 281 -2.28 14.04 -14.96
N GLN A 282 -2.51 14.86 -15.97
CA GLN A 282 -1.51 15.04 -17.02
C GLN A 282 -0.27 15.69 -16.45
N ARG A 283 -0.48 16.65 -15.56
CA ARG A 283 0.63 17.38 -14.94
C ARG A 283 1.50 16.41 -14.14
N ILE A 284 0.86 15.50 -13.40
CA ILE A 284 1.59 14.52 -12.59
C ILE A 284 2.37 13.58 -13.50
N MSE A 285 1.70 13.05 -14.52
CA MSE A 285 2.36 12.11 -15.43
C MSE A 285 3.54 12.74 -16.17
O MSE A 285 4.61 12.14 -16.23
CB MSE A 285 1.34 11.53 -16.42
CG MSE A 285 0.23 10.70 -15.75
SE MSE A 285 -0.87 9.66 -16.95
CE MSE A 285 -2.00 11.04 -17.69
N ASP A 286 3.35 13.93 -16.73
CA ASP A 286 4.45 14.59 -17.45
C ASP A 286 5.61 14.91 -16.51
N TYR A 287 5.28 15.26 -15.26
CA TYR A 287 6.32 15.61 -14.28
C TYR A 287 7.22 14.40 -14.00
N VAL A 288 6.66 13.20 -14.14
CA VAL A 288 7.41 11.96 -13.93
C VAL A 288 8.22 11.60 -15.17
N THR A 289 7.55 11.51 -16.31
CA THR A 289 8.18 11.13 -17.58
C THR A 289 9.16 12.16 -18.16
N SER A 290 9.18 13.37 -17.64
CA SER A 290 10.09 14.40 -18.14
C SER A 290 11.29 14.53 -17.23
N ALA A 291 11.42 13.60 -16.28
CA ALA A 291 12.52 13.60 -15.34
C ALA A 291 13.85 13.20 -15.97
N GLU A 292 14.93 13.47 -15.25
CA GLU A 292 16.28 13.13 -15.69
C GLU A 292 16.46 11.62 -15.70
N ARG A 293 16.56 11.04 -16.90
CA ARG A 293 16.73 9.59 -17.01
C ARG A 293 18.01 9.11 -16.35
N ALA A 294 17.93 7.94 -15.70
CA ALA A 294 19.10 7.37 -15.03
C ALA A 294 19.90 6.68 -16.12
N ASP A 295 19.23 6.43 -17.24
CA ASP A 295 19.85 5.79 -18.40
C ASP A 295 19.20 6.37 -19.65
N GLU A 296 19.94 7.24 -20.33
CA GLU A 296 19.45 7.89 -21.55
C GLU A 296 18.81 6.93 -22.53
N ASN A 297 19.29 5.68 -22.58
CA ASN A 297 18.74 4.69 -23.49
C ASN A 297 17.53 3.96 -22.91
N GLN A 298 16.97 4.52 -21.83
CA GLN A 298 15.81 3.94 -21.18
C GLN A 298 14.81 4.99 -20.72
N ALA A 299 13.74 5.16 -21.48
CA ALA A 299 12.70 6.14 -21.16
C ALA A 299 12.03 5.79 -19.84
N ILE A 300 11.59 6.83 -19.12
CA ILE A 300 10.92 6.63 -17.85
C ILE A 300 9.48 6.19 -18.15
N ARG A 301 8.97 5.24 -17.38
CA ARG A 301 7.61 4.77 -17.61
C ARG A 301 6.75 4.77 -16.35
N LEU A 302 5.50 5.17 -16.50
CA LEU A 302 4.55 5.24 -15.39
C LEU A 302 4.01 3.85 -15.07
N PRO A 303 3.74 3.59 -13.78
CA PRO A 303 3.23 2.27 -13.42
C PRO A 303 1.98 1.82 -14.20
N GLY A 304 2.04 0.59 -14.73
CA GLY A 304 0.93 0.02 -15.46
C GLY A 304 0.78 0.44 -16.92
N HIS A 305 1.53 1.44 -17.35
CA HIS A 305 1.42 1.90 -18.73
C HIS A 305 1.88 0.86 -19.74
N GLU A 306 2.63 -0.14 -19.29
CA GLU A 306 3.08 -1.20 -20.20
C GLU A 306 1.88 -2.04 -20.60
N PHE A 307 0.80 -2.00 -19.82
CA PHE A 307 -0.39 -2.78 -20.14
C PHE A 307 -1.09 -2.20 -21.35
N THR A 308 -0.73 -0.97 -21.71
CA THR A 308 -1.34 -0.35 -22.89
C THR A 308 -0.41 -0.60 -24.06
N THR A 309 0.89 -0.34 -23.87
CA THR A 309 1.84 -0.55 -24.95
C THR A 309 1.99 -2.03 -25.32
N LEU A 310 2.14 -2.90 -24.34
CA LEU A 310 2.29 -4.33 -24.61
C LEU A 310 1.07 -4.89 -25.33
N LEU A 311 -0.12 -4.39 -25.00
CA LEU A 311 -1.33 -4.86 -25.66
C LEU A 311 -1.29 -4.50 -27.14
N ALA A 312 -0.90 -3.27 -27.44
CA ALA A 312 -0.82 -2.82 -28.82
C ALA A 312 0.20 -3.64 -29.59
N GLU A 313 1.30 -3.97 -28.92
CA GLU A 313 2.36 -4.76 -29.54
C GLU A 313 1.85 -6.18 -29.86
N ASN A 314 1.13 -6.77 -28.91
CA ASN A 314 0.61 -8.12 -29.08
C ASN A 314 -0.48 -8.26 -30.13
N ARG A 315 -1.40 -7.31 -30.20
CA ARG A 315 -2.48 -7.39 -31.18
C ARG A 315 -1.97 -7.04 -32.56
N ARG A 316 -0.66 -6.85 -32.67
CA ARG A 316 -0.05 -6.51 -33.94
C ARG A 316 0.92 -7.58 -34.41
N ASN A 317 1.82 -7.97 -33.52
CA ASN A 317 2.83 -8.98 -33.84
C ASN A 317 2.47 -10.35 -33.30
N GLY A 318 1.28 -10.46 -32.72
CA GLY A 318 0.87 -11.73 -32.15
C GLY A 318 1.41 -11.89 -30.75
N ILE A 319 0.96 -12.92 -30.05
CA ILE A 319 1.37 -13.18 -28.68
C ILE A 319 2.46 -14.25 -28.54
N THR A 320 3.55 -13.89 -27.88
CA THR A 320 4.64 -14.84 -27.66
C THR A 320 4.41 -15.57 -26.35
N VAL A 321 4.27 -16.89 -26.41
CA VAL A 321 4.07 -17.71 -25.23
C VAL A 321 5.27 -18.62 -25.09
N ASP A 322 5.80 -18.72 -23.87
CA ASP A 322 6.97 -19.56 -23.64
C ASP A 322 6.72 -21.00 -24.08
N ASP A 323 7.60 -21.48 -24.94
CA ASP A 323 7.50 -22.83 -25.49
C ASP A 323 7.19 -23.92 -24.46
N SER A 324 7.89 -23.91 -23.33
CA SER A 324 7.65 -24.92 -22.31
C SER A 324 6.23 -24.80 -21.75
N VAL A 325 5.76 -23.57 -21.61
CA VAL A 325 4.42 -23.32 -21.10
C VAL A 325 3.38 -23.79 -22.11
N TRP A 326 3.59 -23.44 -23.38
CA TRP A 326 2.66 -23.84 -24.43
C TRP A 326 2.59 -25.36 -24.51
N ALA A 327 3.76 -25.99 -24.53
CA ALA A 327 3.84 -27.44 -24.58
C ALA A 327 3.12 -28.03 -23.38
N LYS A 328 3.24 -27.37 -22.25
CA LYS A 328 2.59 -27.83 -21.02
C LYS A 328 1.09 -27.86 -21.20
N ILE A 329 0.56 -26.80 -21.82
CA ILE A 329 -0.87 -26.67 -22.06
C ILE A 329 -1.34 -27.67 -23.11
N GLN A 330 -0.59 -27.79 -24.19
CA GLN A 330 -0.93 -28.72 -25.25
C GLN A 330 -1.02 -30.13 -24.66
N ALA A 331 -0.11 -30.46 -23.76
CA ALA A 331 -0.10 -31.78 -23.14
C ALA A 331 -1.38 -32.05 -22.38
N LEU A 332 -2.08 -30.99 -21.96
CA LEU A 332 -3.34 -31.13 -21.23
C LEU A 332 -4.44 -31.66 -22.13
N MSE B 1 19.69 13.55 26.86
CA MSE B 1 18.92 14.48 27.66
C MSE B 1 17.60 13.85 28.09
O MSE B 1 16.69 13.67 27.29
CB MSE B 1 18.65 15.74 26.84
CG MSE B 1 17.70 16.76 27.48
SE MSE B 1 18.38 17.57 29.12
CE MSE B 1 19.85 18.59 28.36
N LYS B 2 17.51 13.50 29.37
CA LYS B 2 16.31 12.90 29.92
C LYS B 2 15.36 13.97 30.42
N VAL B 3 14.20 14.07 29.79
CA VAL B 3 13.22 15.07 30.18
C VAL B 3 11.88 14.40 30.45
N THR B 4 11.07 15.02 31.29
CA THR B 4 9.76 14.47 31.60
C THR B 4 8.80 14.92 30.51
N PHE B 5 7.60 14.33 30.50
CA PHE B 5 6.58 14.68 29.51
C PHE B 5 6.27 16.18 29.51
N GLU B 6 5.84 16.69 30.67
CA GLU B 6 5.49 18.09 30.80
C GLU B 6 6.63 19.03 30.43
N GLN B 7 7.87 18.63 30.73
CA GLN B 7 9.05 19.43 30.42
C GLN B 7 9.22 19.56 28.91
N LEU B 8 9.10 18.43 28.22
CA LEU B 8 9.22 18.42 26.76
C LEU B 8 8.10 19.28 26.15
N LYS B 9 6.86 19.02 26.57
CA LYS B 9 5.71 19.78 26.07
C LYS B 9 5.90 21.27 26.36
N ALA B 10 6.45 21.59 27.53
CA ALA B 10 6.68 22.97 27.91
C ALA B 10 7.58 23.69 26.92
N ALA B 11 8.59 22.99 26.42
CA ALA B 11 9.51 23.58 25.46
C ALA B 11 8.82 23.87 24.13
N PHE B 12 8.01 22.92 23.66
CA PHE B 12 7.29 23.09 22.41
C PHE B 12 6.33 24.28 22.54
N ASN B 13 5.64 24.34 23.67
CA ASN B 13 4.69 25.42 23.89
C ASN B 13 5.36 26.81 23.84
N ARG B 14 6.45 26.97 24.57
CA ARG B 14 7.15 28.25 24.59
C ARG B 14 7.46 28.80 23.21
N VAL B 15 8.03 27.96 22.35
CA VAL B 15 8.37 28.40 21.00
C VAL B 15 7.15 28.77 20.19
N LEU B 16 6.11 27.93 20.23
CA LEU B 16 4.88 28.21 19.50
C LEU B 16 4.30 29.58 19.87
N ILE B 17 4.29 29.89 21.16
CA ILE B 17 3.77 31.17 21.61
C ILE B 17 4.57 32.33 21.02
N SER B 18 5.89 32.23 21.03
CA SER B 18 6.75 33.29 20.52
C SER B 18 6.58 33.49 19.02
N ARG B 19 5.93 32.55 18.35
CA ARG B 19 5.72 32.68 16.91
C ARG B 19 4.30 33.07 16.54
N GLY B 20 3.55 33.56 17.52
CA GLY B 20 2.18 34.00 17.24
C GLY B 20 1.08 32.98 17.39
N VAL B 21 1.40 31.77 17.83
CA VAL B 21 0.38 30.74 18.01
C VAL B 21 -0.39 31.05 19.28
N ASP B 22 -1.72 31.07 19.19
CA ASP B 22 -2.52 31.36 20.37
C ASP B 22 -2.34 30.26 21.41
N SER B 23 -2.58 30.62 22.67
CA SER B 23 -2.42 29.71 23.80
C SER B 23 -3.07 28.33 23.63
N GLU B 24 -4.35 28.30 23.30
CA GLU B 24 -5.06 27.04 23.14
C GLU B 24 -4.50 26.16 22.03
N THR B 25 -4.15 26.76 20.90
CA THR B 25 -3.60 26.00 19.78
C THR B 25 -2.16 25.60 20.04
N ALA B 26 -1.45 26.41 20.81
CA ALA B 26 -0.07 26.12 21.16
C ALA B 26 -0.03 24.92 22.09
N ASP B 27 -0.95 24.89 23.04
CA ASP B 27 -1.00 23.78 23.99
C ASP B 27 -1.34 22.46 23.30
N ALA B 28 -2.35 22.48 22.43
CA ALA B 28 -2.77 21.28 21.71
C ALA B 28 -1.68 20.76 20.78
N CYS B 29 -1.06 21.67 20.04
CA CYS B 29 0.00 21.31 19.12
C CYS B 29 1.19 20.76 19.90
N ALA B 30 1.53 21.43 21.00
CA ALA B 30 2.65 21.01 21.84
C ALA B 30 2.35 19.63 22.41
N GLU B 31 1.08 19.40 22.73
CA GLU B 31 0.62 18.13 23.28
C GLU B 31 0.90 17.01 22.30
N MSE B 32 0.51 17.21 21.05
CA MSE B 32 0.73 16.21 20.02
C MSE B 32 2.21 15.92 19.80
O MSE B 32 2.61 14.75 19.71
CB MSE B 32 0.08 16.64 18.70
CG MSE B 32 -1.43 16.50 18.70
SE MSE B 32 -2.17 16.45 16.90
CE MSE B 32 -1.54 14.70 16.40
N PHE B 33 3.02 16.97 19.71
CA PHE B 33 4.46 16.78 19.51
C PHE B 33 5.06 15.99 20.66
N ALA B 34 4.61 16.26 21.87
CA ALA B 34 5.14 15.55 23.04
C ALA B 34 4.65 14.10 23.03
N ARG B 35 3.35 13.90 22.80
CA ARG B 35 2.78 12.55 22.75
C ARG B 35 3.48 11.67 21.72
N THR B 36 3.63 12.18 20.50
CA THR B 36 4.28 11.40 19.45
C THR B 36 5.67 10.98 19.89
N THR B 37 6.37 11.89 20.55
CA THR B 37 7.72 11.60 21.04
C THR B 37 7.68 10.56 22.14
N GLU B 38 6.78 10.74 23.09
CA GLU B 38 6.64 9.79 24.19
C GLU B 38 6.28 8.40 23.69
N SER B 39 5.56 8.35 22.57
CA SER B 39 5.15 7.07 22.00
C SER B 39 6.29 6.33 21.30
N GLY B 40 7.43 7.02 21.16
CA GLY B 40 8.57 6.38 20.53
C GLY B 40 8.94 6.91 19.16
N VAL B 41 8.19 7.90 18.68
CA VAL B 41 8.45 8.47 17.37
C VAL B 41 9.22 9.78 17.47
N TYR B 42 10.51 9.73 17.16
CA TYR B 42 11.36 10.91 17.24
C TYR B 42 11.53 11.58 15.89
N SER B 43 11.68 10.76 14.84
CA SER B 43 11.86 11.27 13.48
C SER B 43 10.79 12.30 13.13
N HIS B 44 9.54 12.02 13.49
CA HIS B 44 8.45 12.93 13.19
C HIS B 44 7.85 13.50 14.48
N GLY B 45 8.61 13.36 15.56
CA GLY B 45 8.19 13.90 16.84
C GLY B 45 9.06 15.12 17.09
N VAL B 46 9.77 15.13 18.22
CA VAL B 46 10.63 16.24 18.61
C VAL B 46 11.68 16.66 17.58
N ASN B 47 12.29 15.70 16.89
CA ASN B 47 13.33 16.01 15.91
C ASN B 47 12.84 16.84 14.70
N ARG B 48 11.53 16.82 14.46
CA ARG B 48 10.97 17.56 13.33
C ARG B 48 10.43 18.93 13.73
N PHE B 49 10.35 19.19 15.03
CA PHE B 49 9.82 20.45 15.53
C PHE B 49 10.48 21.70 14.96
N PRO B 50 11.83 21.75 14.97
CA PRO B 50 12.55 22.92 14.44
C PRO B 50 12.14 23.26 13.02
N ARG B 51 12.05 22.22 12.18
CA ARG B 51 11.65 22.37 10.79
C ARG B 51 10.23 22.93 10.71
N PHE B 52 9.39 22.50 11.64
CA PHE B 52 8.00 22.95 11.70
C PHE B 52 7.96 24.44 12.01
N ILE B 53 8.76 24.85 12.99
CA ILE B 53 8.80 26.27 13.37
C ILE B 53 9.25 27.13 12.20
N GLN B 54 10.29 26.71 11.49
CA GLN B 54 10.77 27.47 10.36
C GLN B 54 9.68 27.67 9.31
N GLN B 55 8.96 26.60 8.98
CA GLN B 55 7.90 26.71 7.99
C GLN B 55 6.79 27.63 8.48
N LEU B 56 6.58 27.65 9.79
CA LEU B 56 5.57 28.52 10.38
C LEU B 56 5.98 29.99 10.21
N GLU B 57 7.26 30.28 10.41
CA GLU B 57 7.75 31.64 10.27
C GLU B 57 7.71 32.12 8.84
N ASN B 58 7.99 31.22 7.89
CA ASN B 58 7.98 31.59 6.49
C ASN B 58 6.55 31.80 6.00
N GLY B 59 5.58 31.51 6.84
CA GLY B 59 4.19 31.70 6.47
C GLY B 59 3.54 30.49 5.80
N ASP B 60 4.26 29.37 5.78
CA ASP B 60 3.72 28.16 5.18
C ASP B 60 2.46 27.73 5.93
N ILE B 61 2.52 27.87 7.25
CA ILE B 61 1.45 27.50 8.17
C ILE B 61 0.73 28.74 8.72
N ILE B 62 -0.59 28.63 8.85
CA ILE B 62 -1.45 29.69 9.37
C ILE B 62 -2.08 29.16 10.66
N PRO B 63 -1.44 29.43 11.81
CA PRO B 63 -1.82 29.02 13.17
C PRO B 63 -3.31 29.04 13.51
N ASP B 64 -3.95 30.18 13.27
CA ASP B 64 -5.37 30.32 13.60
C ASP B 64 -6.31 29.74 12.55
N ALA B 65 -5.75 29.23 11.45
CA ALA B 65 -6.57 28.64 10.40
C ALA B 65 -7.17 27.31 10.87
N GLN B 66 -8.37 27.00 10.40
CA GLN B 66 -9.06 25.77 10.76
C GLN B 66 -9.66 25.08 9.51
N PRO B 67 -9.82 23.75 9.56
CA PRO B 67 -10.37 22.93 8.47
C PRO B 67 -11.79 23.34 8.11
N LYS B 68 -12.12 23.29 6.83
CA LYS B 68 -13.45 23.67 6.36
C LYS B 68 -14.01 22.64 5.37
N ARG B 69 -15.23 22.17 5.62
CA ARG B 69 -15.84 21.20 4.74
C ARG B 69 -16.30 21.86 3.45
N ILE B 70 -15.88 21.31 2.31
CA ILE B 70 -16.24 21.85 1.01
C ILE B 70 -17.44 21.11 0.46
N THR B 71 -17.41 19.79 0.54
CA THR B 71 -18.50 18.97 0.03
C THR B 71 -18.75 17.74 0.88
N SER B 72 -20.02 17.42 1.05
CA SER B 72 -20.41 16.27 1.85
C SER B 72 -21.22 15.33 0.97
N LEU B 73 -20.64 14.18 0.65
CA LEU B 73 -21.31 13.19 -0.20
C LEU B 73 -21.41 11.86 0.56
N GLY B 74 -22.13 11.87 1.66
CA GLY B 74 -22.30 10.66 2.46
C GLY B 74 -21.01 10.21 3.10
N ALA B 75 -20.59 8.99 2.75
CA ALA B 75 -19.38 8.39 3.28
C ALA B 75 -18.10 9.15 2.90
N ILE B 76 -18.19 9.98 1.86
CA ILE B 76 -17.04 10.75 1.39
C ILE B 76 -17.25 12.26 1.55
N GLU B 77 -16.18 12.95 1.96
CA GLU B 77 -16.21 14.38 2.14
C GLU B 77 -14.90 15.02 1.70
N GLN B 78 -15.01 16.16 1.05
CA GLN B 78 -13.86 16.93 0.58
C GLN B 78 -13.70 18.13 1.50
N TRP B 79 -12.52 18.27 2.08
CA TRP B 79 -12.25 19.37 3.00
C TRP B 79 -11.07 20.22 2.56
N ASP B 80 -11.02 21.45 3.05
CA ASP B 80 -9.93 22.39 2.74
C ASP B 80 -9.27 22.71 4.08
N ALA B 81 -7.99 22.38 4.20
CA ALA B 81 -7.23 22.62 5.43
C ALA B 81 -6.89 24.10 5.62
N GLN B 82 -7.02 24.86 4.54
CA GLN B 82 -6.72 26.29 4.56
C GLN B 82 -5.35 26.58 5.14
N ARG B 83 -4.37 25.72 4.84
CA ARG B 83 -3.01 25.92 5.30
C ARG B 83 -2.85 25.89 6.81
N SER B 84 -3.77 25.23 7.50
CA SER B 84 -3.72 25.14 8.96
C SER B 84 -2.59 24.23 9.42
N ILE B 85 -2.40 24.15 10.74
CA ILE B 85 -1.36 23.29 11.31
C ILE B 85 -1.65 21.86 10.87
N GLY B 86 -0.62 21.17 10.38
CA GLY B 86 -0.80 19.82 9.87
C GLY B 86 -1.23 18.71 10.80
N ASN B 87 -0.51 18.52 11.92
CA ASN B 87 -0.86 17.45 12.82
C ASN B 87 -2.23 17.67 13.49
N LEU B 88 -2.47 18.89 13.95
CA LEU B 88 -3.74 19.22 14.60
C LEU B 88 -4.92 19.03 13.66
N THR B 89 -4.78 19.48 12.41
CA THR B 89 -5.87 19.33 11.44
C THR B 89 -6.04 17.85 11.03
N ALA B 90 -4.94 17.13 10.85
CA ALA B 90 -5.02 15.72 10.47
C ALA B 90 -5.75 14.89 11.53
N LYS B 91 -5.55 15.24 12.80
CA LYS B 91 -6.22 14.53 13.87
C LYS B 91 -7.73 14.75 13.73
N LYS B 92 -8.14 15.99 13.49
CA LYS B 92 -9.55 16.30 13.33
C LYS B 92 -10.17 15.62 12.12
N MSE B 93 -9.42 15.52 11.02
CA MSE B 93 -9.95 14.89 9.81
C MSE B 93 -10.08 13.38 9.90
O MSE B 93 -10.98 12.80 9.28
CB MSE B 93 -9.13 15.28 8.57
CG MSE B 93 -9.13 16.78 8.26
SE MSE B 93 -10.88 17.51 7.88
CE MSE B 93 -10.33 19.12 7.00
N MSE B 94 -9.20 12.72 10.64
CA MSE B 94 -9.31 11.28 10.78
C MSE B 94 -10.48 11.04 11.73
O MSE B 94 -11.20 10.05 11.61
CB MSE B 94 -8.03 10.67 11.37
CG MSE B 94 -7.52 9.48 10.55
SE MSE B 94 -8.79 8.06 10.26
CE MSE B 94 -8.95 7.57 12.08
N ASP B 95 -10.65 11.95 12.68
CA ASP B 95 -11.76 11.84 13.61
C ASP B 95 -13.05 12.00 12.82
N ARG B 96 -13.03 12.83 11.77
CA ARG B 96 -14.23 12.99 10.94
C ARG B 96 -14.47 11.71 10.15
N ALA B 97 -13.43 11.15 9.53
CA ALA B 97 -13.58 9.92 8.76
C ALA B 97 -14.20 8.83 9.64
N ILE B 98 -13.79 8.79 10.91
CA ILE B 98 -14.31 7.81 11.87
C ILE B 98 -15.80 8.01 12.12
N GLU B 99 -16.21 9.25 12.35
CA GLU B 99 -17.61 9.55 12.60
C GLU B 99 -18.42 9.05 11.39
N LEU B 100 -17.92 9.35 10.20
CA LEU B 100 -18.57 8.94 8.95
C LEU B 100 -18.72 7.42 8.83
N ALA B 101 -17.67 6.68 9.16
CA ALA B 101 -17.71 5.22 9.08
C ALA B 101 -18.70 4.67 10.10
N ALA B 102 -18.90 5.40 11.19
CA ALA B 102 -19.83 4.98 12.23
C ALA B 102 -21.24 4.83 11.68
N ASP B 103 -21.63 5.67 10.74
CA ASP B 103 -22.96 5.60 10.14
C ASP B 103 -22.99 5.02 8.73
N HIS B 104 -21.90 5.16 7.98
CA HIS B 104 -21.87 4.68 6.60
C HIS B 104 -21.06 3.41 6.40
N GLY B 105 -20.51 2.88 7.49
CA GLY B 105 -19.72 1.66 7.38
C GLY B 105 -18.30 1.99 6.95
N ILE B 106 -18.14 3.09 6.23
CA ILE B 106 -16.83 3.51 5.79
C ILE B 106 -16.82 5.03 5.65
N GLY B 107 -15.66 5.63 5.84
CA GLY B 107 -15.56 7.07 5.74
C GLY B 107 -14.28 7.50 5.06
N LEU B 108 -14.39 8.52 4.22
CA LEU B 108 -13.22 9.01 3.52
C LEU B 108 -13.27 10.53 3.42
N VAL B 109 -12.24 11.16 3.98
CA VAL B 109 -12.11 12.60 3.92
C VAL B 109 -10.91 12.90 3.05
N ALA B 110 -11.11 13.71 2.03
CA ALA B 110 -10.05 14.11 1.11
C ALA B 110 -9.72 15.55 1.52
N LEU B 111 -8.46 15.79 1.86
CA LEU B 111 -8.02 17.09 2.36
C LEU B 111 -7.01 17.81 1.47
N ARG B 112 -7.34 19.02 1.06
CA ARG B 112 -6.40 19.79 0.24
C ARG B 112 -5.88 21.02 1.00
N ASN B 113 -4.84 21.63 0.45
CA ASN B 113 -4.20 22.81 1.03
C ASN B 113 -3.77 22.58 2.46
N ALA B 114 -3.24 21.40 2.73
CA ALA B 114 -2.81 21.04 4.08
C ALA B 114 -1.30 21.17 4.29
N ASN B 115 -0.88 21.05 5.54
CA ASN B 115 0.54 21.10 5.85
C ASN B 115 0.98 19.73 6.33
N HIS B 116 2.29 19.54 6.43
CA HIS B 116 2.84 18.25 6.85
C HIS B 116 2.17 17.78 8.14
N TRP B 117 1.74 16.52 8.13
CA TRP B 117 1.03 15.95 9.28
C TRP B 117 1.90 15.31 10.34
N MSE B 118 3.22 15.47 10.21
CA MSE B 118 4.18 14.90 11.15
C MSE B 118 4.17 13.36 11.10
O MSE B 118 4.78 12.76 10.22
CB MSE B 118 3.89 15.37 12.59
CG MSE B 118 4.12 16.88 12.83
SE MSE B 118 5.89 17.45 12.28
CE MSE B 118 5.41 18.76 10.97
N ARG B 119 3.50 12.71 12.06
CA ARG B 119 3.45 11.25 12.09
C ARG B 119 2.12 10.69 11.57
N GLY B 120 2.15 10.03 10.42
CA GLY B 120 0.94 9.47 9.85
C GLY B 120 0.30 8.43 10.75
N GLY B 121 1.14 7.67 11.43
CA GLY B 121 0.65 6.64 12.33
C GLY B 121 -0.20 7.15 13.48
N SER B 122 -0.16 8.45 13.75
CA SER B 122 -0.98 9.00 14.83
C SER B 122 -2.45 8.81 14.47
N TYR B 123 -2.76 9.13 13.21
CA TYR B 123 -4.13 9.05 12.69
C TYR B 123 -4.58 7.60 12.47
N GLY B 124 -3.64 6.73 12.08
CA GLY B 124 -3.99 5.34 11.91
C GLY B 124 -4.32 4.81 13.29
N TRP B 125 -3.53 5.23 14.27
CA TRP B 125 -3.71 4.80 15.66
C TRP B 125 -5.06 5.23 16.25
N GLN B 126 -5.48 6.46 15.98
CA GLN B 126 -6.76 6.98 16.50
C GLN B 126 -7.92 6.08 16.08
N ALA B 127 -7.89 5.66 14.81
CA ALA B 127 -8.93 4.81 14.25
C ALA B 127 -8.93 3.45 14.93
N ALA B 128 -7.74 2.86 15.06
CA ALA B 128 -7.58 1.55 15.68
C ALA B 128 -8.06 1.59 17.14
N GLU B 129 -7.78 2.69 17.83
CA GLU B 129 -8.19 2.85 19.22
C GLU B 129 -9.71 2.82 19.36
N LYS B 130 -10.41 3.38 18.36
CA LYS B 130 -11.86 3.43 18.38
C LYS B 130 -12.51 2.21 17.79
N GLY B 131 -11.71 1.18 17.52
CA GLY B 131 -12.23 -0.05 16.96
C GLY B 131 -12.41 -0.06 15.45
N TYR B 132 -11.80 0.90 14.77
CA TYR B 132 -11.93 0.97 13.33
C TYR B 132 -10.63 0.63 12.63
N ILE B 133 -10.72 0.24 11.37
CA ILE B 133 -9.52 -0.03 10.58
C ILE B 133 -9.21 1.36 10.09
N GLY B 134 -7.95 1.78 10.20
CA GLY B 134 -7.58 3.10 9.74
C GLY B 134 -6.55 3.05 8.64
N ILE B 135 -6.79 3.79 7.58
CA ILE B 135 -5.87 3.85 6.44
C ILE B 135 -5.75 5.32 6.07
N CYS B 136 -4.54 5.81 5.90
CA CYS B 136 -4.36 7.20 5.52
C CYS B 136 -3.01 7.44 4.86
N TRP B 137 -2.95 8.47 4.03
CA TRP B 137 -1.72 8.83 3.35
C TRP B 137 -1.72 10.30 2.98
N THR B 138 -0.61 10.79 2.45
CA THR B 138 -0.46 12.19 2.10
C THR B 138 0.56 12.27 0.96
N ASN B 139 0.62 13.39 0.24
CA ASN B 139 1.65 13.52 -0.77
C ASN B 139 2.66 14.49 -0.17
N SER B 140 3.70 14.85 -0.93
CA SER B 140 4.70 15.76 -0.41
C SER B 140 5.37 16.49 -1.57
N ILE B 141 6.43 17.24 -1.29
CA ILE B 141 7.12 17.95 -2.36
C ILE B 141 8.07 16.92 -2.98
N ALA B 142 8.44 17.12 -4.23
CA ALA B 142 9.34 16.18 -4.90
C ALA B 142 10.63 16.04 -4.10
N VAL B 143 10.86 14.84 -3.58
CA VAL B 143 12.07 14.58 -2.80
C VAL B 143 12.62 13.22 -3.17
N MSE B 144 12.02 12.60 -4.18
CA MSE B 144 12.46 11.29 -4.62
C MSE B 144 12.28 11.15 -6.13
O MSE B 144 11.26 11.53 -6.71
CB MSE B 144 11.65 10.22 -3.89
CG MSE B 144 12.07 8.80 -4.17
SE MSE B 144 11.24 7.55 -2.94
CE MSE B 144 9.63 7.17 -3.92
N PRO B 145 13.29 10.59 -6.80
CA PRO B 145 13.23 10.40 -8.25
C PRO B 145 12.41 9.16 -8.61
N PRO B 146 11.57 9.26 -9.65
CA PRO B 146 10.76 8.11 -10.06
C PRO B 146 11.67 7.01 -10.60
N TRP B 147 11.20 5.77 -10.59
CA TRP B 147 12.01 4.68 -11.09
C TRP B 147 12.38 4.93 -12.54
N GLY B 148 13.67 4.84 -12.84
CA GLY B 148 14.17 5.06 -14.18
C GLY B 148 14.78 6.44 -14.33
N ALA B 149 14.59 7.28 -13.31
CA ALA B 149 15.10 8.64 -13.31
C ALA B 149 16.08 8.88 -12.17
N LYS B 150 16.69 10.07 -12.18
CA LYS B 150 17.65 10.46 -11.17
C LYS B 150 17.29 11.81 -10.57
N GLU B 151 16.29 12.45 -11.16
CA GLU B 151 15.83 13.74 -10.67
C GLU B 151 14.57 13.52 -9.86
N CYS B 152 14.47 14.19 -8.72
CA CYS B 152 13.32 14.06 -7.84
C CYS B 152 12.06 14.60 -8.48
N ARG B 153 11.09 13.72 -8.71
CA ARG B 153 9.82 14.11 -9.31
C ARG B 153 8.62 13.50 -8.57
N ILE B 154 8.88 12.70 -7.54
CA ILE B 154 7.78 12.10 -6.77
C ILE B 154 8.01 12.26 -5.27
N GLY B 155 6.94 12.08 -4.49
CA GLY B 155 7.04 12.22 -3.04
C GLY B 155 7.22 10.96 -2.23
N THR B 156 7.53 11.11 -0.94
CA THR B 156 7.71 9.96 -0.06
C THR B 156 6.34 9.38 0.32
N ASN B 157 5.31 10.17 0.07
CA ASN B 157 3.91 9.82 0.32
C ASN B 157 3.69 8.61 1.22
N PRO B 158 3.93 8.77 2.53
CA PRO B 158 3.77 7.70 3.52
C PRO B 158 2.38 7.07 3.51
N LEU B 159 2.33 5.75 3.60
CA LEU B 159 1.06 5.03 3.64
C LEU B 159 0.90 4.38 5.02
N ILE B 160 -0.25 4.63 5.65
CA ILE B 160 -0.54 4.07 6.98
C ILE B 160 -1.76 3.15 6.92
N VAL B 161 -1.64 2.01 7.59
CA VAL B 161 -2.71 1.02 7.68
C VAL B 161 -2.67 0.50 9.12
N ALA B 162 -3.73 0.77 9.89
CA ALA B 162 -3.81 0.36 11.27
C ALA B 162 -4.99 -0.58 11.51
N ILE B 163 -4.76 -1.62 12.31
CA ILE B 163 -5.79 -2.61 12.62
C ILE B 163 -6.15 -2.57 14.11
N PRO B 164 -7.46 -2.59 14.44
CA PRO B 164 -7.93 -2.55 15.84
C PRO B 164 -7.75 -3.90 16.56
N SER B 165 -6.54 -4.44 16.45
CA SER B 165 -6.22 -5.70 17.10
C SER B 165 -5.58 -5.38 18.45
N THR B 166 -5.39 -6.42 19.25
CA THR B 166 -4.77 -6.26 20.56
C THR B 166 -3.48 -7.07 20.59
N PRO B 167 -2.32 -6.38 20.59
CA PRO B 167 -2.20 -4.93 20.55
C PRO B 167 -2.44 -4.42 19.13
N ILE B 168 -2.55 -3.11 18.96
CA ILE B 168 -2.77 -2.53 17.65
C ILE B 168 -1.64 -2.88 16.69
N THR B 169 -1.99 -3.39 15.51
CA THR B 169 -0.99 -3.74 14.50
C THR B 169 -1.11 -2.63 13.46
N MSE B 170 0.00 -1.97 13.15
CA MSE B 170 -0.02 -0.85 12.21
C MSE B 170 1.26 -0.68 11.43
O MSE B 170 2.34 -0.93 11.94
CB MSE B 170 -0.32 0.44 12.98
CG MSE B 170 -0.28 1.70 12.14
SE MSE B 170 -0.71 3.28 13.17
CE MSE B 170 1.03 3.61 13.97
N VAL B 171 1.13 -0.27 10.17
CA VAL B 171 2.30 0.02 9.35
C VAL B 171 2.20 1.51 9.07
N ASP B 172 3.36 2.16 9.03
CA ASP B 172 3.46 3.59 8.75
C ASP B 172 4.74 3.60 7.93
N MSE B 173 4.62 3.50 6.62
CA MSE B 173 5.79 3.44 5.76
C MSE B 173 5.93 4.50 4.69
O MSE B 173 4.98 4.81 3.96
CB MSE B 173 5.84 2.07 5.09
CG MSE B 173 4.66 1.76 4.19
SE MSE B 173 4.80 0.02 3.36
CE MSE B 173 4.20 -1.02 4.86
N SER B 174 7.14 5.02 4.59
CA SER B 174 7.48 6.02 3.60
C SER B 174 7.69 5.23 2.31
N MSE B 175 7.42 5.85 1.16
CA MSE B 175 7.62 5.15 -0.10
C MSE B 175 9.13 5.04 -0.36
O MSE B 175 9.56 4.38 -1.30
CB MSE B 175 6.91 5.84 -1.26
CG MSE B 175 5.38 5.75 -1.17
SE MSE B 175 4.74 3.92 -1.11
CE MSE B 175 4.22 3.81 0.75
N SER B 176 9.91 5.72 0.46
CA SER B 176 11.36 5.60 0.32
C SER B 176 11.73 4.55 1.37
N MSE B 177 12.74 3.75 1.09
CA MSE B 177 13.16 2.69 2.01
C MSE B 177 13.32 3.29 3.40
O MSE B 177 13.00 2.66 4.40
CB MSE B 177 14.46 2.06 1.53
CG MSE B 177 14.84 0.79 2.29
SE MSE B 177 13.40 -0.49 2.33
CE MSE B 177 12.91 -0.35 4.21
N PHE B 178 13.84 4.51 3.43
CA PHE B 178 14.05 5.26 4.67
C PHE B 178 13.57 6.70 4.49
N SER B 179 12.72 7.17 5.38
CA SER B 179 12.24 8.55 5.29
C SER B 179 13.41 9.43 5.73
N TYR B 180 13.39 10.71 5.34
CA TYR B 180 14.45 11.62 5.73
C TYR B 180 14.53 11.70 7.25
N GLY B 181 13.39 11.53 7.91
CA GLY B 181 13.36 11.57 9.36
C GLY B 181 14.15 10.42 9.96
N MSE B 182 13.99 9.23 9.38
CA MSE B 182 14.71 8.06 9.89
C MSE B 182 16.20 8.14 9.57
O MSE B 182 17.02 7.58 10.31
CB MSE B 182 14.10 6.77 9.34
CG MSE B 182 12.82 6.36 10.06
SE MSE B 182 13.03 6.40 11.99
CE MSE B 182 14.51 5.18 12.17
N LEU B 183 16.55 8.81 8.48
CA LEU B 183 17.96 8.94 8.13
C LEU B 183 18.63 9.77 9.22
N GLU B 184 17.96 10.84 9.64
CA GLU B 184 18.47 11.72 10.69
C GLU B 184 18.62 10.96 12.00
N VAL B 185 17.63 10.13 12.30
CA VAL B 185 17.66 9.34 13.52
C VAL B 185 18.89 8.43 13.54
N ASN B 186 19.21 7.84 12.41
CA ASN B 186 20.38 6.97 12.34
C ASN B 186 21.67 7.77 12.36
N ARG B 187 21.63 8.99 11.81
CA ARG B 187 22.80 9.85 11.79
C ARG B 187 23.12 10.37 13.19
N LEU B 188 22.09 10.79 13.92
CA LEU B 188 22.28 11.30 15.28
C LEU B 188 22.78 10.19 16.19
N ALA B 189 22.27 8.98 15.98
CA ALA B 189 22.66 7.83 16.78
C ALA B 189 24.04 7.34 16.35
N GLY B 190 24.53 7.87 15.24
CA GLY B 190 25.84 7.48 14.73
C GLY B 190 25.90 6.01 14.39
N ARG B 191 25.45 5.66 13.18
CA ARG B 191 25.47 4.27 12.72
C ARG B 191 25.03 4.17 11.26
N GLN B 192 25.35 3.04 10.63
CA GLN B 192 24.98 2.83 9.23
C GLN B 192 23.59 2.23 9.08
N LEU B 193 23.04 2.35 7.88
CA LEU B 193 21.72 1.83 7.57
C LEU B 193 21.77 0.30 7.41
N PRO B 194 20.74 -0.40 7.89
CA PRO B 194 20.66 -1.86 7.81
C PRO B 194 20.59 -2.37 6.38
N VAL B 195 20.16 -1.49 5.46
CA VAL B 195 20.05 -1.82 4.05
C VAL B 195 20.32 -0.59 3.20
N ASP B 196 20.29 -0.77 1.87
CA ASP B 196 20.54 0.33 0.94
C ASP B 196 19.58 1.49 1.16
N GLY B 197 20.14 2.67 1.44
CA GLY B 197 19.33 3.85 1.67
C GLY B 197 19.13 4.70 0.43
N GLY B 198 19.99 4.52 -0.56
CA GLY B 198 19.89 5.30 -1.78
C GLY B 198 21.15 5.27 -2.62
N PHE B 199 21.13 6.00 -3.74
CA PHE B 199 22.28 6.05 -4.63
C PHE B 199 23.16 7.24 -4.29
N ASP B 200 24.38 6.97 -3.81
CA ASP B 200 25.32 8.04 -3.48
C ASP B 200 25.59 8.89 -4.72
N ASP B 201 25.80 10.20 -4.50
CA ASP B 201 26.08 11.12 -5.61
C ASP B 201 26.87 10.49 -6.74
N GLU B 202 26.37 10.65 -7.96
CA GLU B 202 26.99 10.09 -9.16
C GLU B 202 27.61 8.71 -8.89
N GLY B 203 26.87 7.88 -8.16
CA GLY B 203 27.37 6.56 -7.84
C GLY B 203 26.30 5.48 -7.79
N ASN B 204 26.54 4.46 -6.98
CA ASN B 204 25.64 3.34 -6.83
C ASN B 204 24.94 3.40 -5.48
N LEU B 205 24.37 2.27 -5.06
CA LEU B 205 23.70 2.21 -3.76
C LEU B 205 24.68 2.49 -2.64
N THR B 206 24.16 2.90 -1.49
CA THR B 206 24.98 3.20 -0.32
C THR B 206 24.17 3.10 0.96
N LYS B 207 24.87 2.98 2.10
CA LYS B 207 24.20 2.86 3.38
C LYS B 207 24.57 4.02 4.30
N GLU B 208 25.11 5.08 3.71
CA GLU B 208 25.52 6.27 4.45
C GLU B 208 24.39 7.28 4.48
N PRO B 209 23.77 7.49 5.66
CA PRO B 209 22.68 8.44 5.85
C PRO B 209 23.02 9.85 5.37
N GLY B 210 24.11 10.40 5.91
CA GLY B 210 24.53 11.73 5.53
C GLY B 210 24.65 11.98 4.04
N VAL B 211 25.20 11.01 3.32
CA VAL B 211 25.38 11.16 1.88
C VAL B 211 24.03 11.20 1.15
N ILE B 212 23.11 10.36 1.59
CA ILE B 212 21.78 10.30 1.00
C ILE B 212 21.03 11.61 1.21
N GLU B 213 21.26 12.23 2.36
CA GLU B 213 20.60 13.50 2.68
C GLU B 213 21.11 14.60 1.77
N LYS B 214 22.32 14.42 1.26
CA LYS B 214 22.94 15.42 0.38
C LYS B 214 22.26 15.49 -0.98
N ASN B 215 22.54 14.51 -1.84
CA ASN B 215 21.97 14.46 -3.18
C ASN B 215 20.48 14.15 -3.21
N ARG B 216 19.94 13.77 -2.05
CA ARG B 216 18.52 13.43 -1.94
C ARG B 216 18.15 12.29 -2.88
N ARG B 217 19.14 11.48 -3.24
CA ARG B 217 18.93 10.34 -4.13
C ARG B 217 18.41 9.17 -3.30
N ILE B 218 17.42 9.43 -2.45
CA ILE B 218 16.86 8.38 -1.61
C ILE B 218 16.28 7.25 -2.45
N LEU B 219 16.64 6.03 -2.10
CA LEU B 219 16.18 4.85 -2.82
C LEU B 219 14.73 4.53 -2.49
N PRO B 220 13.88 4.37 -3.52
CA PRO B 220 12.47 4.05 -3.28
C PRO B 220 12.33 2.64 -2.72
N MSE B 221 11.49 2.50 -1.70
CA MSE B 221 11.28 1.18 -1.11
C MSE B 221 10.72 0.21 -2.15
O MSE B 221 9.68 0.48 -2.76
CB MSE B 221 10.34 1.34 0.09
CG MSE B 221 9.97 0.04 0.76
SE MSE B 221 8.51 -0.78 -0.13
CE MSE B 221 7.13 0.40 0.57
N GLY B 222 11.40 -0.90 -2.36
CA GLY B 222 10.91 -1.86 -3.34
C GLY B 222 11.15 -1.44 -4.78
N TYR B 223 12.12 -0.55 -4.98
CA TYR B 223 12.48 -0.08 -6.32
C TYR B 223 11.30 0.47 -7.13
N TRP B 224 10.96 -0.21 -8.22
CA TRP B 224 9.85 0.24 -9.05
C TRP B 224 8.52 0.15 -8.32
N LYS B 225 8.46 -0.63 -7.25
CA LYS B 225 7.21 -0.76 -6.52
C LYS B 225 6.92 0.45 -5.64
N GLY B 226 7.92 0.89 -4.88
CA GLY B 226 7.71 2.05 -4.04
C GLY B 226 7.48 3.30 -4.87
N SER B 227 8.17 3.35 -6.01
CA SER B 227 8.03 4.47 -6.93
C SER B 227 6.61 4.52 -7.49
N GLY B 228 6.16 3.39 -8.01
CA GLY B 228 4.83 3.31 -8.58
C GLY B 228 3.74 3.58 -7.57
N MSE B 229 3.87 3.01 -6.37
CA MSE B 229 2.84 3.22 -5.36
C MSE B 229 2.78 4.70 -4.96
O MSE B 229 1.69 5.23 -4.73
CB MSE B 229 3.11 2.37 -4.12
CG MSE B 229 2.07 2.56 -3.01
SE MSE B 229 0.28 2.07 -3.59
CE MSE B 229 0.41 0.15 -3.37
N SER B 230 3.95 5.34 -4.89
CA SER B 230 4.01 6.76 -4.53
C SER B 230 3.18 7.60 -5.51
N ILE B 231 3.34 7.32 -6.80
CA ILE B 231 2.61 8.04 -7.84
C ILE B 231 1.10 7.84 -7.77
N VAL B 232 0.63 6.60 -7.61
CA VAL B 232 -0.80 6.38 -7.56
C VAL B 232 -1.41 7.02 -6.31
N LEU B 233 -0.67 7.01 -5.20
CA LEU B 233 -1.16 7.64 -3.97
C LEU B 233 -1.28 9.15 -4.19
N ASP B 234 -0.31 9.71 -4.92
CA ASP B 234 -0.34 11.12 -5.24
C ASP B 234 -1.58 11.41 -6.08
N MSE B 235 -1.84 10.60 -7.10
CA MSE B 235 -3.01 10.82 -7.93
C MSE B 235 -4.34 10.75 -7.18
O MSE B 235 -5.21 11.59 -7.41
CB MSE B 235 -3.03 9.81 -9.10
CG MSE B 235 -1.83 9.90 -10.04
SE MSE B 235 -1.88 8.58 -11.43
CE MSE B 235 -0.90 9.57 -12.83
N ILE B 236 -4.49 9.80 -6.27
CA ILE B 236 -5.74 9.70 -5.51
C ILE B 236 -5.94 10.90 -4.59
N ALA B 237 -4.90 11.28 -3.85
CA ALA B 237 -4.99 12.41 -2.93
C ALA B 237 -5.33 13.68 -3.70
N THR B 238 -4.68 13.86 -4.85
CA THR B 238 -4.90 15.03 -5.69
C THR B 238 -6.34 15.08 -6.21
N LEU B 239 -6.79 13.99 -6.83
CA LEU B 239 -8.13 13.92 -7.40
C LEU B 239 -9.30 14.03 -6.42
N LEU B 240 -9.30 13.21 -5.37
CA LEU B 240 -10.39 13.24 -4.41
C LEU B 240 -10.47 14.56 -3.65
N SER B 241 -9.33 15.20 -3.47
CA SER B 241 -9.30 16.49 -2.77
C SER B 241 -9.35 17.66 -3.74
N ASP B 242 -9.22 17.35 -5.03
CA ASP B 242 -9.18 18.36 -6.08
C ASP B 242 -8.17 19.38 -5.55
N GLY B 243 -7.05 18.85 -5.09
CA GLY B 243 -5.99 19.68 -4.53
C GLY B 243 -4.72 19.63 -5.34
N ALA B 244 -3.62 19.98 -4.70
CA ALA B 244 -2.31 20.00 -5.35
C ALA B 244 -1.53 18.69 -5.24
N SER B 245 -0.92 18.31 -6.36
CA SER B 245 -0.12 17.09 -6.44
C SER B 245 1.33 17.43 -6.14
N VAL B 246 2.17 16.41 -6.08
CA VAL B 246 3.60 16.60 -5.82
C VAL B 246 4.18 17.58 -6.84
N ALA B 247 3.73 17.47 -8.09
CA ALA B 247 4.19 18.33 -9.17
C ALA B 247 3.77 19.78 -8.93
N GLU B 248 2.51 19.96 -8.55
CA GLU B 248 2.00 21.30 -8.31
C GLU B 248 2.71 21.95 -7.15
N VAL B 249 2.80 21.22 -6.04
CA VAL B 249 3.45 21.71 -4.83
C VAL B 249 4.92 22.09 -5.12
N THR B 250 5.65 21.20 -5.76
CA THR B 250 7.06 21.46 -6.06
C THR B 250 7.23 22.65 -7.00
N GLN B 251 6.39 22.70 -8.03
CA GLN B 251 6.45 23.75 -9.02
C GLN B 251 5.88 25.11 -8.58
N ASP B 252 4.72 25.09 -7.91
CA ASP B 252 4.09 26.33 -7.49
C ASP B 252 4.10 26.62 -5.99
N ASN B 253 5.17 26.27 -5.30
CA ASN B 253 5.27 26.55 -3.87
C ASN B 253 6.72 26.70 -3.46
N SER B 254 6.96 27.60 -2.51
CA SER B 254 8.32 27.84 -2.05
C SER B 254 8.86 26.73 -1.16
N ASP B 255 7.97 25.91 -0.63
CA ASP B 255 8.39 24.83 0.25
C ASP B 255 7.28 23.76 0.31
N GLU B 256 7.40 22.82 1.24
CA GLU B 256 6.42 21.76 1.38
C GLU B 256 5.16 22.15 2.14
N TYR B 257 4.18 22.67 1.41
CA TYR B 257 2.90 23.08 2.00
C TYR B 257 1.83 23.06 0.93
N GLY B 258 0.57 23.11 1.34
CA GLY B 258 -0.51 23.08 0.38
C GLY B 258 -0.65 21.67 -0.14
N ILE B 259 -0.21 20.72 0.69
CA ILE B 259 -0.23 19.30 0.41
C ILE B 259 -1.63 18.68 0.45
N SER B 260 -1.76 17.46 -0.08
CA SER B 260 -3.05 16.77 -0.11
C SER B 260 -2.96 15.47 0.69
N GLN B 261 -4.01 15.18 1.46
CA GLN B 261 -4.00 13.99 2.31
C GLN B 261 -5.31 13.21 2.29
N ILE B 262 -5.25 11.91 2.55
CA ILE B 262 -6.44 11.06 2.56
C ILE B 262 -6.59 10.31 3.88
N PHE B 263 -7.77 10.39 4.49
CA PHE B 263 -8.02 9.70 5.75
C PHE B 263 -9.20 8.75 5.59
N ILE B 264 -8.95 7.46 5.86
CA ILE B 264 -9.99 6.45 5.73
C ILE B 264 -10.18 5.66 7.02
N ALA B 265 -11.44 5.42 7.36
CA ALA B 265 -11.82 4.66 8.53
C ALA B 265 -12.83 3.62 8.04
N ILE B 266 -12.64 2.37 8.43
CA ILE B 266 -13.57 1.30 8.01
C ILE B 266 -14.12 0.61 9.25
N GLU B 267 -15.45 0.48 9.32
CA GLU B 267 -16.10 -0.17 10.45
C GLU B 267 -15.91 -1.68 10.37
N VAL B 268 -15.65 -2.29 11.52
CA VAL B 268 -15.41 -3.73 11.62
C VAL B 268 -16.49 -4.52 12.35
N ASP B 269 -16.88 -4.03 13.53
CA ASP B 269 -17.85 -4.71 14.38
C ASP B 269 -19.20 -5.11 13.81
N LYS B 270 -19.57 -4.57 12.66
CA LYS B 270 -20.85 -4.92 12.06
C LYS B 270 -20.71 -6.07 11.06
N LEU B 271 -19.46 -6.38 10.68
CA LEU B 271 -19.19 -7.44 9.71
C LEU B 271 -18.71 -8.73 10.36
N ILE B 272 -18.18 -8.61 11.57
CA ILE B 272 -17.68 -9.77 12.28
C ILE B 272 -17.98 -9.59 13.76
N ASP B 273 -18.19 -10.71 14.44
CA ASP B 273 -18.51 -10.71 15.87
C ASP B 273 -17.25 -10.53 16.72
N GLY B 274 -17.43 -9.94 17.91
CA GLY B 274 -16.32 -9.70 18.80
C GLY B 274 -15.40 -10.89 19.03
N PRO B 275 -15.89 -11.96 19.67
CA PRO B 275 -15.08 -13.16 19.92
C PRO B 275 -14.42 -13.72 18.66
N THR B 276 -15.14 -13.67 17.55
CA THR B 276 -14.63 -14.18 16.28
C THR B 276 -13.48 -13.29 15.77
N ARG B 277 -13.62 -11.99 16.01
CA ARG B 277 -12.61 -11.02 15.62
C ARG B 277 -11.34 -11.25 16.43
N ASP B 278 -11.48 -11.32 17.75
CA ASP B 278 -10.34 -11.55 18.63
C ASP B 278 -9.66 -12.87 18.31
N ALA B 279 -10.45 -13.91 18.07
CA ALA B 279 -9.91 -15.23 17.78
C ALA B 279 -9.12 -15.29 16.47
N LYS B 280 -9.76 -14.86 15.38
CA LYS B 280 -9.11 -14.90 14.07
C LYS B 280 -7.85 -14.01 14.04
N LEU B 281 -7.95 -12.83 14.65
CA LEU B 281 -6.81 -11.93 14.69
C LEU B 281 -5.67 -12.56 15.51
N GLN B 282 -6.02 -13.23 16.60
CA GLN B 282 -4.99 -13.85 17.44
C GLN B 282 -4.29 -14.98 16.69
N ARG B 283 -5.05 -15.71 15.89
CA ARG B 283 -4.51 -16.80 15.11
C ARG B 283 -3.51 -16.24 14.09
N ILE B 284 -3.85 -15.10 13.49
CA ILE B 284 -2.97 -14.46 12.52
C ILE B 284 -1.65 -14.07 13.17
N MSE B 285 -1.73 -13.34 14.28
CA MSE B 285 -0.56 -12.86 15.00
C MSE B 285 0.31 -13.98 15.57
O MSE B 285 1.54 -13.90 15.51
CB MSE B 285 -0.99 -11.91 16.12
CG MSE B 285 -1.74 -10.67 15.63
SE MSE B 285 -2.15 -9.39 17.01
CE MSE B 285 -3.75 -10.21 17.73
N ASP B 286 -0.31 -15.01 16.14
CA ASP B 286 0.44 -16.13 16.71
C ASP B 286 1.14 -16.91 15.59
N TYR B 287 0.50 -16.97 14.43
CA TYR B 287 1.06 -17.70 13.31
C TYR B 287 2.35 -17.02 12.85
N VAL B 288 2.46 -15.72 13.11
CA VAL B 288 3.64 -14.96 12.75
C VAL B 288 4.72 -15.04 13.83
N THR B 289 4.32 -14.78 15.07
CA THR B 289 5.28 -14.82 16.17
C THR B 289 5.90 -16.20 16.37
N SER B 290 5.18 -17.26 16.02
CA SER B 290 5.71 -18.62 16.18
C SER B 290 6.46 -19.10 14.94
N ALA B 291 6.77 -18.21 14.01
CA ALA B 291 7.47 -18.60 12.80
C ALA B 291 8.91 -18.98 13.11
N GLU B 292 9.38 -20.07 12.51
CA GLU B 292 10.75 -20.49 12.75
C GLU B 292 11.64 -19.30 12.38
N ARG B 293 12.48 -18.90 13.33
CA ARG B 293 13.36 -17.74 13.17
C ARG B 293 14.62 -18.00 12.36
N ALA B 294 15.18 -16.94 11.81
CA ALA B 294 16.43 -17.04 11.06
C ALA B 294 17.50 -17.01 12.13
N ASP B 295 17.22 -16.25 13.19
CA ASP B 295 18.11 -16.09 14.34
C ASP B 295 17.30 -16.45 15.59
N GLU B 296 17.60 -17.62 16.17
CA GLU B 296 16.89 -18.10 17.34
C GLU B 296 16.74 -17.08 18.48
N ASN B 297 17.66 -16.14 18.61
CA ASN B 297 17.57 -15.14 19.68
C ASN B 297 16.80 -13.89 19.25
N GLN B 298 16.46 -13.79 17.97
CA GLN B 298 15.73 -12.62 17.46
C GLN B 298 14.25 -12.92 17.20
N ALA B 299 13.39 -12.46 18.09
CA ALA B 299 11.95 -12.68 17.96
C ALA B 299 11.35 -12.06 16.70
N ILE B 300 10.28 -12.66 16.21
CA ILE B 300 9.59 -12.17 15.03
C ILE B 300 8.60 -11.12 15.54
N ARG B 301 8.79 -9.86 15.18
CA ARG B 301 7.90 -8.82 15.66
C ARG B 301 6.90 -8.28 14.64
N LEU B 302 5.66 -8.15 15.07
CA LEU B 302 4.59 -7.64 14.22
C LEU B 302 4.72 -6.12 14.10
N PRO B 303 4.31 -5.56 12.95
CA PRO B 303 4.42 -4.11 12.76
C PRO B 303 3.58 -3.30 13.75
N GLY B 304 4.23 -2.30 14.35
CA GLY B 304 3.55 -1.44 15.31
C GLY B 304 3.54 -2.01 16.72
N HIS B 305 3.82 -3.30 16.88
CA HIS B 305 3.82 -3.89 18.21
C HIS B 305 4.89 -3.38 19.16
N GLU B 306 5.81 -2.56 18.65
CA GLU B 306 6.87 -2.03 19.51
C GLU B 306 6.42 -0.81 20.30
N PHE B 307 5.30 -0.20 19.92
CA PHE B 307 4.83 0.98 20.64
C PHE B 307 4.42 0.71 22.09
N THR B 308 4.03 -0.52 22.40
CA THR B 308 3.62 -0.84 23.77
C THR B 308 4.78 -0.65 24.74
N THR B 309 5.92 -1.25 24.43
CA THR B 309 7.08 -1.14 25.29
C THR B 309 7.71 0.25 25.26
N LEU B 310 7.72 0.88 24.09
CA LEU B 310 8.29 2.21 23.95
C LEU B 310 7.53 3.22 24.81
N LEU B 311 6.21 3.11 24.83
CA LEU B 311 5.38 4.01 25.62
C LEU B 311 5.53 3.71 27.12
N ALA B 312 5.39 2.44 27.48
CA ALA B 312 5.52 2.05 28.89
C ALA B 312 6.85 2.51 29.47
N GLU B 313 7.93 2.31 28.72
CA GLU B 313 9.25 2.68 29.19
C GLU B 313 9.45 4.18 29.36
N ASN B 314 8.91 4.98 28.43
CA ASN B 314 9.07 6.43 28.51
C ASN B 314 8.25 7.05 29.64
N ARG B 315 7.11 6.45 29.94
CA ARG B 315 6.23 6.95 31.00
C ARG B 315 6.75 6.75 32.41
N ARG B 316 7.64 5.79 32.61
CA ARG B 316 8.17 5.54 33.94
C ARG B 316 9.64 5.92 34.07
N ASN B 317 10.37 5.84 32.96
CA ASN B 317 11.78 6.18 32.96
C ASN B 317 12.01 7.60 32.47
N GLY B 318 11.07 8.11 31.68
CA GLY B 318 11.21 9.45 31.14
C GLY B 318 11.47 9.39 29.65
N ILE B 319 11.53 10.55 29.01
CA ILE B 319 11.76 10.61 27.57
C ILE B 319 13.20 11.04 27.27
N THR B 320 13.88 10.27 26.43
CA THR B 320 15.26 10.59 26.06
C THR B 320 15.29 11.32 24.71
N VAL B 321 15.69 12.58 24.73
CA VAL B 321 15.76 13.37 23.50
C VAL B 321 17.22 13.60 23.14
N ASP B 322 17.50 13.68 21.84
CA ASP B 322 18.87 13.91 21.38
C ASP B 322 19.34 15.25 21.91
N ASP B 323 20.54 15.27 22.48
CA ASP B 323 21.09 16.51 23.03
C ASP B 323 21.19 17.63 22.01
N SER B 324 21.63 17.32 20.80
CA SER B 324 21.76 18.35 19.77
C SER B 324 20.39 18.92 19.40
N VAL B 325 19.40 18.04 19.30
CA VAL B 325 18.04 18.45 18.96
C VAL B 325 17.44 19.31 20.06
N TRP B 326 17.60 18.88 21.30
CA TRP B 326 17.07 19.61 22.44
C TRP B 326 17.66 21.00 22.54
N ALA B 327 18.90 21.13 22.06
CA ALA B 327 19.61 22.41 22.08
C ALA B 327 19.09 23.31 20.97
N LYS B 328 18.92 22.74 19.78
CA LYS B 328 18.44 23.49 18.64
C LYS B 328 17.04 24.05 18.92
N ILE B 329 16.28 23.33 19.76
CA ILE B 329 14.94 23.77 20.10
C ILE B 329 15.01 24.99 21.03
N GLN B 330 15.80 24.88 22.08
CA GLN B 330 15.94 25.98 23.02
C GLN B 330 16.53 27.20 22.32
N ALA B 331 17.46 26.96 21.41
CA ALA B 331 18.09 28.04 20.68
C ALA B 331 17.02 28.86 19.96
N LEU B 332 15.90 28.22 19.62
CA LEU B 332 14.82 28.92 18.92
C LEU B 332 14.30 30.09 19.76
N ALA B 333 14.43 29.97 21.08
CA ALA B 333 13.97 31.02 21.98
C ALA B 333 15.09 32.03 22.24
S SO4 C . 2.15 -15.55 -7.18
O1 SO4 C . 3.19 -15.54 -6.14
O2 SO4 C . 2.77 -15.50 -8.51
O3 SO4 C . 1.29 -14.37 -6.99
O4 SO4 C . 1.36 -16.78 -7.07
S SO4 D . 5.10 -8.68 -9.15
O1 SO4 D . 4.13 -9.74 -9.48
O2 SO4 D . 5.36 -7.84 -10.35
O3 SO4 D . 4.57 -7.85 -8.07
O4 SO4 D . 6.39 -9.29 -8.73
S SO4 E . 10.02 5.00 7.59
O1 SO4 E . 9.65 6.37 8.00
O2 SO4 E . 9.00 4.47 6.67
O3 SO4 E . 11.32 5.01 6.93
O4 SO4 E . 10.07 4.14 8.80
S SO4 F . 10.20 12.67 5.90
O1 SO4 F . 8.94 11.91 5.97
O2 SO4 F . 9.88 14.11 5.76
O3 SO4 F . 10.98 12.21 4.74
O4 SO4 F . 10.98 12.46 7.13
#